data_4MVT
#
_entry.id   4MVT
#
_cell.length_a   55.450
_cell.length_b   85.440
_cell.length_c   89.530
_cell.angle_alpha   83.080
_cell.angle_beta   86.570
_cell.angle_gamma   86.140
#
_symmetry.space_group_name_H-M   'P 1'
#
loop_
_entity.id
_entity.type
_entity.pdbx_description
1 polymer 'E3 SUMO-protein ligase PIAS3'
2 non-polymer 'ZINC ION'
3 non-polymer 'CHLORIDE ION'
4 non-polymer 'UNKNOWN ATOM OR ION'
5 water water
#
_entity_poly.entity_id   1
_entity_poly.type   'polypeptide(L)'
_entity_poly.pdbx_seq_one_letter_code
;MHHHHHHSSGRENLYFQGEVDMHPPLPQPVHPDVTMKPLPFYEVYGELIRPTTLASTSSQRFEEAHFTFALTPQQVQQIL
TSREVLPGAKCDYTIQVQLRFCLCETSCPQEDYFPPNLFVKVNGKLCPLPGYLPPTKNGAEPKRPSRPINITPLARLSAT
VPNTIVVNWSSEFGRNYSLSVYLVRQLTAGTLLQKLRAKGIRNPDHSRALIKEKLTADPDSEVATTSLRVSLMCPLGKMR
LTVPCRALTCAHLQSFDAALYLQMNEKKPTWTCPVCDKKAPYESLIIDGLFMEILSSCSDCDEIQFMEDGSWCPMKPKKE
ASEVCPPPGYGLDGLQYSPVQGGDPSENKKKVEVIDLTIESSSDEEDLPPTKKH
;
_entity_poly.pdbx_strand_id   A,B,C,D
#
# COMPACT_ATOMS: atom_id res chain seq x y z
N ASP A 33 -23.17 10.75 31.29
N ASP A 33 -24.71 10.32 28.61
CA ASP A 33 -23.34 10.39 29.89
CA ASP A 33 -23.59 10.74 29.47
C ASP A 33 -22.01 10.08 29.18
C ASP A 33 -22.24 10.57 28.74
N VAL A 34 -22.09 9.47 27.97
CA VAL A 34 -20.94 9.08 27.15
C VAL A 34 -20.82 10.05 25.99
N THR A 35 -19.62 10.56 25.70
CA THR A 35 -19.33 11.41 24.55
C THR A 35 -18.16 10.82 23.77
N MET A 36 -18.10 11.09 22.46
CA MET A 36 -17.03 10.59 21.58
C MET A 36 -15.94 11.63 21.52
N LYS A 37 -14.71 11.18 21.34
CA LYS A 37 -13.58 12.07 21.16
C LYS A 37 -13.65 12.63 19.72
N PRO A 38 -13.51 13.96 19.49
CA PRO A 38 -13.54 14.48 18.12
C PRO A 38 -12.45 13.87 17.24
N LEU A 39 -12.77 13.67 15.95
CA LEU A 39 -11.90 13.16 14.91
C LEU A 39 -11.25 14.35 14.18
N PRO A 40 -9.91 14.34 13.96
CA PRO A 40 -9.26 15.51 13.35
C PRO A 40 -9.75 15.88 11.93
N PHE A 41 -10.12 14.87 11.13
CA PHE A 41 -10.62 15.06 9.76
C PHE A 41 -12.14 15.24 9.67
N TYR A 42 -12.85 15.32 10.82
CA TYR A 42 -14.32 15.45 10.80
C TYR A 42 -14.84 16.54 11.71
N GLU A 43 -15.69 17.39 11.15
CA GLU A 43 -16.35 18.45 11.87
C GLU A 43 -17.82 18.07 11.98
N VAL A 44 -18.32 17.87 13.24
CA VAL A 44 -19.71 17.50 13.52
C VAL A 44 -20.66 18.66 13.18
N TYR A 45 -21.63 18.38 12.28
CA TYR A 45 -22.66 19.32 11.78
C TYR A 45 -23.99 19.17 12.54
N GLY A 46 -24.27 17.94 12.95
CA GLY A 46 -25.45 17.54 13.72
C GLY A 46 -25.29 16.16 14.30
N GLU A 47 -26.09 15.85 15.33
CA GLU A 47 -26.11 14.56 16.00
C GLU A 47 -27.41 13.90 15.62
N LEU A 48 -27.33 12.81 14.86
CA LEU A 48 -28.51 12.10 14.36
C LEU A 48 -29.02 11.04 15.35
N ILE A 49 -28.10 10.29 16.03
CA ILE A 49 -28.39 9.37 17.13
C ILE A 49 -27.36 9.67 18.23
N ARG A 50 -27.85 10.14 19.40
CA ARG A 50 -27.04 10.47 20.57
C ARG A 50 -26.38 9.19 21.12
N PRO A 51 -25.16 9.24 21.71
CA PRO A 51 -24.56 8.00 22.23
C PRO A 51 -25.58 7.21 23.06
N THR A 52 -25.87 5.98 22.60
CA THR A 52 -26.88 5.09 23.15
C THR A 52 -26.24 3.74 23.47
N THR A 53 -26.48 3.22 24.70
CA THR A 53 -25.91 1.94 25.15
C THR A 53 -26.45 0.78 24.35
N LEU A 54 -25.52 -0.11 23.91
CA LEU A 54 -25.87 -1.31 23.15
C LEU A 54 -26.28 -2.44 24.11
N PHE A 62 -24.62 -13.71 20.95
CA PHE A 62 -25.20 -13.13 19.72
C PHE A 62 -26.32 -12.13 20.07
N GLU A 63 -25.92 -10.88 20.41
CA GLU A 63 -26.84 -9.80 20.78
C GLU A 63 -27.26 -9.01 19.55
N GLU A 64 -28.46 -8.39 19.59
CA GLU A 64 -29.00 -7.61 18.48
C GLU A 64 -29.74 -6.37 18.97
N ALA A 65 -29.51 -5.23 18.29
CA ALA A 65 -30.12 -3.94 18.59
C ALA A 65 -30.50 -3.21 17.30
N HIS A 66 -31.68 -2.57 17.33
CA HIS A 66 -32.26 -1.87 16.20
C HIS A 66 -32.27 -0.37 16.45
N PHE A 67 -31.82 0.39 15.44
CA PHE A 67 -31.72 1.83 15.53
C PHE A 67 -32.41 2.48 14.36
N THR A 68 -32.93 3.69 14.59
CA THR A 68 -33.64 4.46 13.57
C THR A 68 -33.25 5.94 13.69
N PHE A 69 -33.24 6.66 12.56
CA PHE A 69 -32.93 8.09 12.46
C PHE A 69 -33.48 8.68 11.17
N ALA A 70 -33.69 9.99 11.15
CA ALA A 70 -34.19 10.70 9.98
C ALA A 70 -33.32 11.91 9.68
N LEU A 71 -33.29 12.32 8.42
CA LEU A 71 -32.53 13.49 7.98
C LEU A 71 -33.55 14.58 7.66
N THR A 72 -33.20 15.86 7.91
CA THR A 72 -34.10 16.97 7.54
C THR A 72 -33.83 17.32 6.05
N PRO A 73 -34.77 18.01 5.33
CA PRO A 73 -34.49 18.37 3.92
C PRO A 73 -33.17 19.13 3.75
N GLN A 74 -32.85 20.05 4.69
CA GLN A 74 -31.62 20.84 4.73
C GLN A 74 -30.38 19.91 4.82
N GLN A 75 -30.44 18.86 5.69
CA GLN A 75 -29.36 17.89 5.89
C GLN A 75 -29.16 17.03 4.62
N VAL A 76 -30.27 16.65 3.96
CA VAL A 76 -30.28 15.92 2.68
C VAL A 76 -29.63 16.81 1.60
N GLN A 77 -30.02 18.11 1.53
CA GLN A 77 -29.45 19.04 0.55
C GLN A 77 -27.95 19.23 0.74
N GLN A 78 -27.51 19.34 2.00
CA GLN A 78 -26.07 19.47 2.34
C GLN A 78 -25.26 18.29 1.82
N ILE A 79 -25.76 17.05 2.04
CA ILE A 79 -25.11 15.82 1.55
C ILE A 79 -25.04 15.79 0.02
N LEU A 80 -26.20 15.84 -0.67
CA LEU A 80 -26.30 15.72 -2.14
C LEU A 80 -25.50 16.75 -2.93
N THR A 81 -25.28 17.95 -2.38
CA THR A 81 -24.54 19.01 -3.07
C THR A 81 -23.04 19.02 -2.68
N SER A 82 -22.61 18.07 -1.83
CA SER A 82 -21.22 18.01 -1.37
C SER A 82 -20.32 17.07 -2.24
N ARG A 83 -20.61 16.98 -3.56
CA ARG A 83 -19.88 16.22 -4.59
C ARG A 83 -19.91 14.71 -4.34
N ASP A 92 -17.59 10.36 -4.02
CA ASP A 92 -17.52 10.58 -2.57
C ASP A 92 -18.07 11.95 -2.15
N TYR A 93 -19.04 11.96 -1.21
CA TYR A 93 -19.64 13.17 -0.64
C TYR A 93 -18.75 13.74 0.45
N THR A 94 -18.66 15.09 0.59
CA THR A 94 -17.84 15.68 1.66
C THR A 94 -18.69 15.82 2.96
N ILE A 95 -20.03 16.01 2.85
CA ILE A 95 -20.94 16.01 4.00
C ILE A 95 -21.45 14.56 4.06
N GLN A 96 -21.24 13.90 5.20
CA GLN A 96 -21.51 12.48 5.38
C GLN A 96 -22.30 12.13 6.63
N VAL A 97 -22.80 10.88 6.66
CA VAL A 97 -23.47 10.26 7.80
C VAL A 97 -22.39 9.33 8.38
N GLN A 98 -22.01 9.55 9.64
CA GLN A 98 -20.94 8.80 10.32
C GLN A 98 -21.48 8.02 11.50
N LEU A 99 -21.29 6.70 11.48
CA LEU A 99 -21.65 5.78 12.55
C LEU A 99 -20.38 5.53 13.40
N ARG A 100 -20.52 5.71 14.71
CA ARG A 100 -19.42 5.54 15.64
C ARG A 100 -19.79 4.60 16.79
N PHE A 101 -18.84 3.73 17.19
CA PHE A 101 -18.97 2.79 18.32
C PHE A 101 -17.90 3.11 19.33
N CYS A 102 -18.14 2.80 20.60
CA CYS A 102 -17.16 3.01 21.68
C CYS A 102 -17.56 2.22 22.90
N LEU A 103 -16.70 2.23 23.94
CA LEU A 103 -16.99 1.61 25.23
C LEU A 103 -18.03 2.50 25.94
N CYS A 104 -18.92 1.89 26.74
CA CYS A 104 -19.89 2.65 27.51
C CYS A 104 -19.21 3.16 28.81
N GLU A 105 -18.33 4.17 28.65
CA GLU A 105 -17.56 4.80 29.72
C GLU A 105 -17.77 6.32 29.73
N THR A 106 -17.86 6.92 30.93
CA THR A 106 -18.19 8.33 31.14
C THR A 106 -17.05 9.26 31.62
N SER A 107 -15.92 8.72 32.14
CA SER A 107 -14.85 9.57 32.71
C SER A 107 -14.11 10.45 31.69
N CYS A 108 -14.10 10.05 30.40
CA CYS A 108 -13.41 10.84 29.38
C CYS A 108 -14.08 10.69 28.00
N PRO A 109 -13.93 11.68 27.06
CA PRO A 109 -14.48 11.50 25.70
C PRO A 109 -13.85 10.25 25.07
N GLN A 110 -14.69 9.36 24.55
CA GLN A 110 -14.28 8.06 24.05
C GLN A 110 -13.80 8.00 22.58
N GLU A 111 -12.75 7.21 22.38
CA GLU A 111 -12.20 6.93 21.05
C GLU A 111 -13.04 5.77 20.48
N ASP A 112 -12.99 5.56 19.16
CA ASP A 112 -13.73 4.48 18.49
C ASP A 112 -13.23 3.12 18.97
N TYR A 113 -14.20 2.24 19.34
CA TYR A 113 -13.96 0.93 19.91
C TYR A 113 -15.08 0.03 19.47
N PHE A 114 -14.77 -0.93 18.60
CA PHE A 114 -15.77 -1.86 18.13
C PHE A 114 -16.06 -2.96 19.16
N PRO A 115 -17.36 -3.28 19.39
CA PRO A 115 -17.69 -4.44 20.24
C PRO A 115 -17.23 -5.73 19.54
N PRO A 116 -17.02 -6.87 20.25
CA PRO A 116 -16.57 -8.08 19.54
C PRO A 116 -17.68 -8.66 18.66
N ASN A 117 -17.27 -9.31 17.56
CA ASN A 117 -18.10 -9.95 16.54
C ASN A 117 -19.13 -8.96 15.97
N LEU A 118 -18.66 -7.73 15.67
CA LEU A 118 -19.49 -6.67 15.12
C LEU A 118 -19.87 -6.95 13.66
N PHE A 119 -21.15 -6.82 13.37
CA PHE A 119 -21.76 -6.96 12.05
C PHE A 119 -22.89 -5.92 12.02
N VAL A 120 -22.79 -4.96 11.08
CA VAL A 120 -23.75 -3.86 10.96
C VAL A 120 -24.60 -4.03 9.68
N LYS A 121 -25.88 -3.65 9.76
CA LYS A 121 -26.82 -3.61 8.63
C LYS A 121 -27.44 -2.20 8.55
N VAL A 122 -27.19 -1.46 7.44
CA VAL A 122 -27.76 -0.13 7.22
C VAL A 122 -28.81 -0.22 6.11
N ASN A 123 -30.09 0.03 6.47
CA ASN A 123 -31.27 -0.04 5.60
C ASN A 123 -31.40 -1.42 4.93
N GLY A 124 -31.16 -2.48 5.72
CA GLY A 124 -31.24 -3.86 5.29
C GLY A 124 -30.04 -4.37 4.52
N LYS A 125 -29.06 -3.49 4.25
CA LYS A 125 -27.84 -3.82 3.50
C LYS A 125 -26.66 -3.97 4.41
N LEU A 126 -25.89 -5.02 4.17
CA LEU A 126 -24.69 -5.34 4.93
C LEU A 126 -23.69 -4.17 4.84
N CYS A 127 -23.30 -3.66 6.00
CA CYS A 127 -22.38 -2.53 6.11
C CYS A 127 -20.92 -2.99 6.17
N PRO A 128 -20.07 -2.52 5.22
CA PRO A 128 -18.66 -2.94 5.22
C PRO A 128 -17.84 -2.27 6.33
N LEU A 129 -17.02 -3.08 6.99
CA LEU A 129 -16.18 -2.67 8.12
C LEU A 129 -14.69 -2.69 7.74
N PRO A 130 -13.77 -2.05 8.51
CA PRO A 130 -12.34 -2.13 8.15
C PRO A 130 -11.83 -3.57 8.21
N GLY A 131 -10.91 -3.92 7.32
CA GLY A 131 -10.32 -5.25 7.24
C GLY A 131 -9.48 -5.66 8.43
N TYR A 132 -8.94 -6.89 8.41
CA TYR A 132 -8.10 -7.44 9.47
C TYR A 132 -6.61 -7.30 9.16
N LYS A 143 -6.63 -8.92 14.23
CA LYS A 143 -7.62 -8.05 14.85
C LYS A 143 -8.10 -6.94 13.87
N ARG A 144 -9.35 -6.46 14.06
CA ARG A 144 -9.97 -5.40 13.23
C ARG A 144 -9.83 -4.01 13.87
N PRO A 145 -9.26 -3.01 13.13
CA PRO A 145 -9.11 -1.68 13.72
C PRO A 145 -10.45 -0.95 13.86
N SER A 146 -10.69 -0.42 15.05
CA SER A 146 -11.89 0.35 15.37
C SER A 146 -11.74 1.75 14.79
N ARG A 147 -12.67 2.15 13.92
CA ARG A 147 -12.66 3.45 13.25
C ARG A 147 -14.10 3.94 12.98
N PRO A 148 -14.33 5.26 12.68
CA PRO A 148 -15.68 5.69 12.28
C PRO A 148 -16.12 4.98 11.00
N ILE A 149 -17.43 4.80 10.83
CA ILE A 149 -17.95 4.13 9.65
C ILE A 149 -18.78 5.10 8.85
N ASN A 150 -18.38 5.31 7.58
CA ASN A 150 -19.10 6.15 6.62
C ASN A 150 -20.28 5.33 6.11
N ILE A 151 -21.51 5.65 6.56
CA ILE A 151 -22.73 4.92 6.16
C ILE A 151 -23.54 5.70 5.11
N THR A 152 -22.96 6.82 4.61
CA THR A 152 -23.54 7.64 3.56
C THR A 152 -23.89 6.79 2.32
N PRO A 153 -23.02 5.87 1.78
CA PRO A 153 -23.45 5.08 0.59
C PRO A 153 -24.68 4.21 0.79
N LEU A 154 -25.00 3.83 2.04
CA LEU A 154 -26.14 2.97 2.36
C LEU A 154 -27.33 3.76 2.92
N ALA A 155 -27.14 5.07 3.16
CA ALA A 155 -28.17 5.92 3.70
C ALA A 155 -29.25 6.28 2.69
N ARG A 156 -30.49 6.45 3.19
CA ARG A 156 -31.63 6.88 2.40
C ARG A 156 -31.58 8.39 2.46
N LEU A 157 -31.10 8.99 1.37
CA LEU A 157 -30.86 10.43 1.27
C LEU A 157 -32.16 11.16 0.88
N SER A 158 -33.18 10.99 1.75
CA SER A 158 -34.52 11.55 1.64
C SER A 158 -35.04 11.89 3.05
N ALA A 159 -35.80 13.00 3.17
CA ALA A 159 -36.39 13.43 4.43
C ALA A 159 -37.70 12.71 4.72
N THR A 160 -38.30 12.11 3.69
CA THR A 160 -39.60 11.43 3.71
C THR A 160 -39.56 9.93 4.18
N VAL A 161 -38.37 9.37 4.44
CA VAL A 161 -38.27 7.96 4.88
C VAL A 161 -37.28 7.81 6.02
N PRO A 162 -37.49 6.87 6.97
CA PRO A 162 -36.47 6.72 8.03
C PRO A 162 -35.31 5.83 7.60
N ASN A 163 -34.20 5.94 8.31
CA ASN A 163 -33.02 5.12 8.10
C ASN A 163 -32.93 4.13 9.22
N THR A 164 -32.55 2.88 8.90
CA THR A 164 -32.49 1.84 9.90
C THR A 164 -31.09 1.28 10.07
N ILE A 165 -30.72 1.00 11.31
CA ILE A 165 -29.44 0.37 11.63
C ILE A 165 -29.73 -0.83 12.51
N VAL A 166 -29.25 -2.00 12.10
CA VAL A 166 -29.34 -3.24 12.89
C VAL A 166 -27.88 -3.61 13.22
N VAL A 167 -27.60 -3.77 14.52
CA VAL A 167 -26.27 -4.09 15.02
C VAL A 167 -26.29 -5.43 15.74
N ASN A 168 -25.31 -6.29 15.40
CA ASN A 168 -25.05 -7.58 16.01
C ASN A 168 -23.66 -7.58 16.61
N TRP A 169 -23.53 -8.08 17.85
CA TRP A 169 -22.29 -8.16 18.61
C TRP A 169 -22.45 -9.21 19.73
N SER A 170 -21.35 -9.53 20.43
CA SER A 170 -21.38 -10.45 21.58
C SER A 170 -20.89 -9.68 22.82
N SER A 171 -21.55 -9.91 23.98
CA SER A 171 -21.21 -9.24 25.25
C SER A 171 -19.84 -9.67 25.78
N ARG A 175 -18.86 -6.27 29.73
CA ARG A 175 -18.69 -4.87 29.34
C ARG A 175 -19.82 -4.40 28.43
N ASN A 176 -20.19 -3.11 28.56
CA ASN A 176 -21.22 -2.48 27.73
C ASN A 176 -20.56 -1.61 26.67
N TYR A 177 -21.25 -1.45 25.53
CA TYR A 177 -20.79 -0.65 24.39
C TYR A 177 -21.82 0.42 24.05
N SER A 178 -21.40 1.42 23.27
CA SER A 178 -22.26 2.54 22.89
C SER A 178 -22.24 2.81 21.39
N LEU A 179 -23.37 3.28 20.85
CA LEU A 179 -23.53 3.61 19.43
C LEU A 179 -24.00 5.06 19.31
N SER A 180 -23.44 5.78 18.34
CA SER A 180 -23.84 7.15 17.99
C SER A 180 -23.72 7.39 16.47
N VAL A 181 -24.54 8.31 15.94
CA VAL A 181 -24.57 8.67 14.52
C VAL A 181 -24.55 10.20 14.42
N TYR A 182 -23.69 10.74 13.53
CA TYR A 182 -23.51 12.17 13.30
C TYR A 182 -23.54 12.52 11.83
N LEU A 183 -23.91 13.78 11.54
CA LEU A 183 -23.80 14.37 10.22
C LEU A 183 -22.46 15.13 10.34
N VAL A 184 -21.51 14.86 9.44
CA VAL A 184 -20.17 15.44 9.50
C VAL A 184 -19.74 16.01 8.16
N ARG A 185 -18.76 16.91 8.19
CA ARG A 185 -18.05 17.40 7.03
C ARG A 185 -16.63 16.78 7.10
N GLN A 186 -16.23 16.03 6.06
CA GLN A 186 -14.88 15.47 5.96
C GLN A 186 -13.98 16.64 5.51
N LEU A 187 -13.00 17.01 6.35
CA LEU A 187 -12.07 18.13 6.09
C LEU A 187 -10.87 17.64 5.27
N THR A 188 -10.15 18.56 4.58
CA THR A 188 -8.95 18.19 3.82
C THR A 188 -7.71 18.25 4.73
N ALA A 189 -6.57 17.68 4.24
CA ALA A 189 -5.28 17.72 4.93
C ALA A 189 -4.80 19.18 4.97
N GLY A 190 -5.03 19.93 3.87
CA GLY A 190 -4.70 21.33 3.72
C GLY A 190 -5.32 22.22 4.79
N THR A 191 -6.61 21.96 5.11
CA THR A 191 -7.41 22.66 6.13
C THR A 191 -6.88 22.29 7.52
N LEU A 192 -6.58 20.99 7.74
CA LEU A 192 -6.05 20.48 8.99
C LEU A 192 -4.63 21.03 9.26
N LEU A 193 -3.85 21.21 8.18
CA LEU A 193 -2.53 21.81 8.25
C LEU A 193 -2.66 23.24 8.71
N GLN A 194 -3.57 24.02 8.08
CA GLN A 194 -3.76 25.41 8.46
C GLN A 194 -4.26 25.53 9.92
N LYS A 195 -5.09 24.58 10.39
CA LYS A 195 -5.54 24.53 11.78
C LYS A 195 -4.32 24.30 12.70
N LEU A 196 -3.38 23.39 12.30
CA LEU A 196 -2.16 23.07 13.06
C LEU A 196 -1.21 24.30 13.12
N ARG A 197 -0.94 24.91 11.96
CA ARG A 197 -0.09 26.11 11.87
C ARG A 197 -0.67 27.27 12.70
N ALA A 198 -2.02 27.29 12.89
CA ALA A 198 -2.74 28.32 13.68
C ALA A 198 -2.50 28.16 15.21
N LYS A 199 -2.16 26.94 15.69
CA LYS A 199 -1.80 26.72 17.11
C LYS A 199 -0.38 27.29 17.43
N GLY A 200 0.38 27.72 16.41
CA GLY A 200 1.69 28.33 16.56
C GLY A 200 2.85 27.37 16.69
N ILE A 201 4.02 27.97 16.92
CA ILE A 201 5.34 27.37 17.00
C ILE A 201 5.79 27.16 18.48
N ARG A 202 6.33 25.97 18.77
CA ARG A 202 6.82 25.60 20.09
C ARG A 202 8.10 26.37 20.35
N ASN A 203 8.26 26.90 21.55
CA ASN A 203 9.43 27.70 21.91
C ASN A 203 10.75 26.99 21.46
N PRO A 204 11.64 27.65 20.66
CA PRO A 204 12.93 27.02 20.29
C PRO A 204 13.78 26.66 21.50
N ASP A 205 13.59 27.35 22.64
CA ASP A 205 14.29 27.01 23.89
C ASP A 205 13.85 25.64 24.46
N HIS A 206 12.67 25.10 24.10
CA HIS A 206 12.25 23.77 24.60
C HIS A 206 13.14 22.67 24.01
N SER A 207 13.56 22.83 22.75
CA SER A 207 14.42 21.89 22.04
C SER A 207 15.84 22.05 22.51
N ARG A 208 16.28 23.31 22.68
CA ARG A 208 17.62 23.65 23.20
C ARG A 208 17.84 23.00 24.56
N ALA A 209 16.84 23.03 25.45
CA ALA A 209 16.89 22.40 26.78
C ALA A 209 16.89 20.88 26.66
N LEU A 210 16.17 20.32 25.67
CA LEU A 210 16.10 18.87 25.43
C LEU A 210 17.47 18.35 24.93
N ILE A 211 18.11 19.09 23.99
CA ILE A 211 19.45 18.87 23.45
C ILE A 211 20.48 18.87 24.60
N LYS A 212 20.46 19.91 25.46
CA LYS A 212 21.34 20.05 26.63
C LYS A 212 21.21 18.82 27.56
N GLU A 213 19.97 18.39 27.85
CA GLU A 213 19.61 17.23 28.66
C GLU A 213 20.26 15.94 28.13
N LYS A 214 20.03 15.64 26.84
CA LYS A 214 20.55 14.47 26.12
C LYS A 214 22.08 14.44 26.01
N LEU A 215 22.73 15.61 26.07
CA LEU A 215 24.18 15.78 26.00
C LEU A 215 24.79 15.95 27.37
N THR A 216 23.96 15.86 28.41
CA THR A 216 24.44 15.90 29.79
C THR A 216 24.83 14.46 30.11
N ALA A 217 26.13 14.26 30.34
CA ALA A 217 26.71 12.95 30.64
C ALA A 217 26.27 12.42 32.01
N ASP A 218 25.93 11.13 32.03
CA ASP A 218 25.57 10.38 33.24
C ASP A 218 26.92 10.13 33.98
N PRO A 219 27.05 10.52 35.27
CA PRO A 219 28.35 10.37 35.96
C PRO A 219 28.79 8.91 36.18
N ASP A 220 27.81 7.99 36.24
CA ASP A 220 28.05 6.56 36.37
C ASP A 220 27.84 5.92 34.99
N SER A 221 28.57 6.46 33.98
CA SER A 221 28.54 6.02 32.58
C SER A 221 29.94 6.09 31.97
N GLU A 222 30.27 5.08 31.17
CA GLU A 222 31.56 4.95 30.50
C GLU A 222 31.47 5.71 29.18
N VAL A 223 30.50 5.31 28.33
CA VAL A 223 30.18 5.82 26.99
C VAL A 223 29.22 7.01 27.11
N ALA A 224 29.71 8.20 26.82
CA ALA A 224 28.90 9.42 26.88
C ALA A 224 28.71 10.09 25.51
N THR A 225 27.46 10.48 25.22
CA THR A 225 27.08 11.17 23.99
C THR A 225 27.61 12.60 24.07
N THR A 226 28.55 12.93 23.17
CA THR A 226 29.21 14.23 23.12
C THR A 226 28.56 15.13 22.06
N SER A 227 27.75 14.56 21.12
CA SER A 227 27.06 15.32 20.07
C SER A 227 25.85 14.53 19.50
N LEU A 228 24.76 15.26 19.18
CA LEU A 228 23.51 14.72 18.62
C LEU A 228 23.42 15.08 17.15
N ARG A 229 22.78 14.20 16.35
CA ARG A 229 22.61 14.46 14.91
C ARG A 229 21.16 14.34 14.50
N VAL A 230 20.68 15.33 13.78
CA VAL A 230 19.33 15.37 13.21
C VAL A 230 19.42 15.68 11.72
N SER A 231 18.37 15.32 10.98
CA SER A 231 18.26 15.63 9.57
C SER A 231 17.25 16.77 9.37
N LEU A 232 17.50 17.61 8.34
CA LEU A 232 16.64 18.70 7.91
C LEU A 232 15.70 18.22 6.81
N MET A 233 15.86 16.95 6.39
CA MET A 233 15.04 16.26 5.40
C MET A 233 13.93 15.51 6.13
N CYS A 234 12.78 15.32 5.49
CA CYS A 234 11.69 14.56 6.12
C CYS A 234 12.01 13.04 6.12
N PRO A 235 11.92 12.34 7.29
CA PRO A 235 12.20 10.88 7.31
C PRO A 235 11.16 10.03 6.58
N LEU A 236 10.03 10.65 6.23
CA LEU A 236 8.91 10.05 5.52
C LEU A 236 8.93 10.38 3.99
N GLY A 237 9.08 11.65 3.65
CA GLY A 237 9.06 12.09 2.26
C GLY A 237 10.38 12.32 1.58
N LYS A 238 11.49 12.43 2.34
CA LYS A 238 12.89 12.54 1.85
C LYS A 238 13.27 13.94 1.35
N MET A 239 12.30 14.86 1.24
CA MET A 239 12.49 16.26 0.82
C MET A 239 12.75 17.12 2.07
N ARG A 240 13.31 18.32 1.88
CA ARG A 240 13.60 19.23 2.99
C ARG A 240 12.29 19.60 3.70
N LEU A 241 12.33 19.60 5.01
CA LEU A 241 11.20 19.96 5.87
C LEU A 241 10.73 21.40 5.62
N THR A 242 9.40 21.61 5.60
CA THR A 242 8.76 22.92 5.51
C THR A 242 8.11 23.24 6.87
N VAL A 243 7.26 22.31 7.35
CA VAL A 243 6.63 22.44 8.66
C VAL A 243 7.22 21.32 9.53
N PRO A 244 8.31 21.56 10.30
CA PRO A 244 8.89 20.46 11.07
C PRO A 244 8.02 20.13 12.27
N CYS A 245 7.44 18.94 12.30
CA CYS A 245 6.62 18.68 13.46
C CYS A 245 6.90 17.33 14.11
N ARG A 246 6.34 17.19 15.30
CA ARG A 246 6.54 16.01 16.13
C ARG A 246 5.43 15.95 17.17
N ALA A 247 5.16 14.75 17.71
CA ALA A 247 4.25 14.59 18.84
C ALA A 247 5.00 15.02 20.11
N LEU A 248 4.31 15.65 21.06
CA LEU A 248 4.84 16.07 22.37
C LEU A 248 5.44 14.88 23.16
N THR A 249 4.86 13.69 22.97
CA THR A 249 5.19 12.43 23.65
C THR A 249 6.41 11.72 23.03
N CYS A 250 6.87 12.14 21.85
CA CYS A 250 8.05 11.57 21.22
C CYS A 250 9.28 12.06 21.97
N ALA A 251 10.20 11.13 22.27
CA ALA A 251 11.45 11.41 22.97
C ALA A 251 12.57 11.91 22.04
N HIS A 252 12.52 11.55 20.77
CA HIS A 252 13.54 11.94 19.78
C HIS A 252 13.43 13.43 19.34
N LEU A 253 14.52 13.99 18.81
CA LEU A 253 14.53 15.36 18.33
C LEU A 253 14.18 15.45 16.86
N GLN A 254 14.40 14.35 16.10
CA GLN A 254 14.08 14.29 14.68
C GLN A 254 12.60 14.60 14.44
N SER A 255 12.34 15.61 13.61
CA SER A 255 10.98 15.98 13.26
C SER A 255 10.68 15.41 11.88
N PHE A 256 9.40 15.47 11.49
CA PHE A 256 8.91 15.01 10.19
C PHE A 256 8.08 16.11 9.61
N ASP A 257 7.75 16.03 8.30
CA ASP A 257 6.97 17.09 7.68
C ASP A 257 5.53 16.97 8.01
N ALA A 258 4.96 18.05 8.55
CA ALA A 258 3.58 18.17 8.96
C ALA A 258 2.59 18.00 7.79
N ALA A 259 2.82 18.72 6.65
CA ALA A 259 1.93 18.65 5.46
C ALA A 259 1.86 17.24 4.88
N LEU A 260 3.01 16.57 4.80
CA LEU A 260 3.12 15.22 4.28
C LEU A 260 2.47 14.21 5.22
N TYR A 261 2.66 14.39 6.54
CA TYR A 261 2.08 13.51 7.55
C TYR A 261 0.54 13.60 7.57
N LEU A 262 -0.03 14.81 7.35
CA LEU A 262 -1.48 14.98 7.30
C LEU A 262 -2.06 14.41 5.98
N GLN A 263 -1.30 14.54 4.86
CA GLN A 263 -1.63 13.98 3.53
C GLN A 263 -1.77 12.46 3.65
N MET A 264 -0.91 11.84 4.47
CA MET A 264 -0.93 10.41 4.70
C MET A 264 -2.15 9.97 5.53
N ASN A 265 -2.40 10.63 6.66
CA ASN A 265 -3.52 10.26 7.54
C ASN A 265 -4.91 10.67 6.99
N GLU A 266 -4.93 11.47 5.92
CA GLU A 266 -6.17 11.84 5.24
C GLU A 266 -6.75 10.57 4.60
N LYS A 267 -5.87 9.80 3.93
CA LYS A 267 -6.22 8.53 3.28
C LYS A 267 -6.37 7.40 4.32
N LYS A 268 -5.28 7.02 4.98
CA LYS A 268 -5.25 5.96 5.98
C LYS A 268 -4.90 6.54 7.40
N PRO A 269 -5.87 6.76 8.33
CA PRO A 269 -5.54 7.38 9.64
C PRO A 269 -4.98 6.42 10.71
N THR A 270 -3.66 6.24 10.71
CA THR A 270 -2.95 5.38 11.68
C THR A 270 -2.35 6.20 12.85
N TRP A 271 -2.10 7.53 12.63
CA TRP A 271 -1.51 8.50 13.56
C TRP A 271 -0.27 7.91 14.29
N THR A 272 0.69 7.39 13.49
CA THR A 272 1.92 6.72 13.91
C THR A 272 3.15 7.52 13.45
N CYS A 273 4.07 7.79 14.40
CA CYS A 273 5.29 8.52 14.15
C CYS A 273 6.13 7.83 13.10
N PRO A 274 6.49 8.51 12.00
CA PRO A 274 7.33 7.85 10.97
C PRO A 274 8.77 7.67 11.41
N VAL A 275 9.14 8.21 12.61
CA VAL A 275 10.50 8.14 13.17
C VAL A 275 10.65 6.99 14.19
N CYS A 276 9.83 6.96 15.25
CA CYS A 276 9.94 5.99 16.34
C CYS A 276 8.83 4.94 16.38
N ASP A 277 7.77 5.06 15.56
CA ASP A 277 6.62 4.14 15.50
C ASP A 277 5.70 4.17 16.75
N LYS A 278 5.84 5.18 17.62
CA LYS A 278 4.91 5.35 18.74
C LYS A 278 3.70 6.13 18.21
N LYS A 279 2.63 6.25 19.02
CA LYS A 279 1.43 6.99 18.66
C LYS A 279 1.78 8.46 18.53
N ALA A 280 1.31 9.08 17.44
CA ALA A 280 1.50 10.50 17.17
C ALA A 280 0.15 11.15 16.83
N PRO A 281 -0.82 11.15 17.79
CA PRO A 281 -2.14 11.74 17.49
C PRO A 281 -2.06 13.18 17.06
N TYR A 282 -3.03 13.64 16.27
CA TYR A 282 -3.08 15.03 15.79
C TYR A 282 -3.00 16.05 16.94
N GLU A 283 -3.70 15.79 18.04
CA GLU A 283 -3.82 16.69 19.19
C GLU A 283 -2.53 16.80 20.02
N SER A 284 -1.53 15.95 19.76
CA SER A 284 -0.23 15.97 20.43
C SER A 284 0.86 16.69 19.58
N LEU A 285 0.57 16.95 18.28
CA LEU A 285 1.51 17.56 17.33
C LEU A 285 1.90 18.99 17.67
N ILE A 286 3.19 19.31 17.58
CA ILE A 286 3.74 20.66 17.81
C ILE A 286 4.61 21.06 16.59
N ILE A 287 4.93 22.35 16.44
CA ILE A 287 5.85 22.72 15.36
C ILE A 287 7.13 23.13 16.06
N ASP A 288 8.24 22.40 15.86
CA ASP A 288 9.50 22.69 16.52
C ASP A 288 10.07 24.09 16.11
N GLY A 289 10.13 24.99 17.09
CA GLY A 289 10.70 26.33 16.95
C GLY A 289 12.17 26.33 16.58
N LEU A 290 12.96 25.44 17.16
CA LEU A 290 14.40 25.38 16.85
C LEU A 290 14.69 24.98 15.37
N PHE A 291 14.01 23.95 14.86
CA PHE A 291 14.14 23.52 13.48
C PHE A 291 13.59 24.62 12.54
N MET A 292 12.54 25.39 12.96
CA MET A 292 12.00 26.50 12.16
C MET A 292 13.07 27.57 11.90
N GLU A 293 13.85 27.93 12.94
CA GLU A 293 14.92 28.94 12.84
C GLU A 293 16.11 28.45 11.98
N ILE A 294 16.50 27.17 12.15
CA ILE A 294 17.59 26.53 11.40
C ILE A 294 17.22 26.43 9.93
N LEU A 295 15.98 26.03 9.63
CA LEU A 295 15.50 25.92 8.25
C LEU A 295 15.60 27.27 7.50
N SER A 296 15.58 28.39 8.25
CA SER A 296 15.71 29.76 7.74
C SER A 296 17.16 30.18 7.53
N SER A 297 18.10 29.71 8.38
CA SER A 297 19.52 30.05 8.27
C SER A 297 20.28 29.12 7.31
N CYS A 298 20.24 27.81 7.58
CA CYS A 298 20.91 26.75 6.85
C CYS A 298 20.43 26.60 5.37
N SER A 299 21.34 26.24 4.43
CA SER A 299 20.97 26.11 3.02
C SER A 299 21.27 24.75 2.36
N ASP A 300 22.49 24.54 1.83
CA ASP A 300 22.88 23.30 1.14
C ASP A 300 23.29 22.22 2.16
N CYS A 301 22.35 21.84 3.07
CA CYS A 301 22.63 20.88 4.14
C CYS A 301 21.48 19.93 4.50
N ASP A 302 21.84 18.66 4.70
CA ASP A 302 20.93 17.56 5.04
C ASP A 302 20.84 17.28 6.54
N GLU A 303 22.00 17.09 7.20
CA GLU A 303 22.11 16.73 8.60
C GLU A 303 22.93 17.74 9.40
N ILE A 304 22.41 18.10 10.58
CA ILE A 304 22.96 19.06 11.52
C ILE A 304 23.49 18.26 12.71
N GLN A 305 24.51 18.78 13.35
CA GLN A 305 25.16 18.19 14.51
C GLN A 305 25.09 19.21 15.62
N PHE A 306 24.58 18.81 16.79
CA PHE A 306 24.49 19.70 17.96
C PHE A 306 25.51 19.32 19.03
N MET A 307 26.28 20.31 19.53
CA MET A 307 27.28 20.14 20.60
C MET A 307 26.67 20.49 21.96
N GLU A 308 27.37 20.15 23.05
CA GLU A 308 26.94 20.44 24.43
C GLU A 308 26.91 21.95 24.68
N ASP A 309 27.95 22.67 24.18
CA ASP A 309 28.14 24.13 24.29
C ASP A 309 27.03 25.00 23.60
N GLY A 310 26.02 24.34 23.02
CA GLY A 310 24.88 24.99 22.36
C GLY A 310 25.04 25.19 20.86
N SER A 311 26.29 25.15 20.36
CA SER A 311 26.55 25.33 18.93
C SER A 311 26.04 24.16 18.08
N TRP A 312 25.88 24.43 16.77
CA TRP A 312 25.48 23.48 15.75
C TRP A 312 26.23 23.76 14.46
N CYS A 313 26.37 22.76 13.62
CA CYS A 313 27.05 22.87 12.33
C CYS A 313 26.63 21.68 11.48
N PRO A 314 26.95 21.65 10.15
CA PRO A 314 26.59 20.47 9.34
C PRO A 314 27.31 19.22 9.86
N MET A 315 26.67 18.06 9.69
CA MET A 315 27.18 16.74 10.08
C MET A 315 27.83 16.08 8.86
N ASP B 33 -6.82 -3.82 35.11
CA ASP B 33 -6.83 -3.08 33.84
C ASP B 33 -7.12 -1.56 34.04
N VAL B 34 -7.57 -1.21 35.25
CA VAL B 34 -7.90 0.14 35.72
C VAL B 34 -6.63 0.66 36.37
N THR B 35 -6.20 1.89 36.02
CA THR B 35 -5.04 2.54 36.61
C THR B 35 -5.46 3.89 37.10
N MET B 36 -4.80 4.40 38.15
CA MET B 36 -5.09 5.72 38.73
C MET B 36 -4.25 6.78 38.02
N LYS B 37 -4.80 7.97 37.93
CA LYS B 37 -4.08 9.11 37.39
C LYS B 37 -3.14 9.61 38.52
N PRO B 38 -1.82 9.82 38.22
CA PRO B 38 -0.90 10.30 39.26
C PRO B 38 -1.32 11.64 39.87
N LEU B 39 -1.16 11.77 41.19
CA LEU B 39 -1.48 12.98 41.94
C LEU B 39 -0.24 13.88 41.96
N PRO B 40 -0.40 15.19 41.64
CA PRO B 40 0.77 16.09 41.56
C PRO B 40 1.68 16.12 42.80
N PHE B 41 1.09 16.00 44.00
CA PHE B 41 1.82 16.05 45.27
C PHE B 41 2.25 14.68 45.82
N TYR B 42 2.06 13.58 45.04
CA TYR B 42 2.42 12.23 45.53
C TYR B 42 3.21 11.43 44.53
N GLU B 43 4.34 10.90 45.00
CA GLU B 43 5.22 10.04 44.22
C GLU B 43 4.98 8.64 44.74
N VAL B 44 4.49 7.73 43.87
CA VAL B 44 4.21 6.33 44.21
C VAL B 44 5.54 5.61 44.41
N TYR B 45 5.74 5.03 45.61
CA TYR B 45 6.94 4.27 45.98
C TYR B 45 6.72 2.77 45.82
N GLY B 46 5.47 2.35 45.97
CA GLY B 46 5.06 0.96 45.84
C GLY B 46 3.56 0.83 45.79
N GLU B 47 3.09 -0.31 45.29
CA GLU B 47 1.67 -0.64 45.19
C GLU B 47 1.37 -1.70 46.22
N LEU B 48 0.57 -1.34 47.23
CA LEU B 48 0.24 -2.25 48.32
C LEU B 48 -1.00 -3.10 48.02
N ILE B 49 -2.00 -2.53 47.34
CA ILE B 49 -3.18 -3.23 46.81
C ILE B 49 -3.39 -2.68 45.40
N ARG B 50 -3.23 -3.55 44.39
CA ARG B 50 -3.45 -3.23 42.98
C ARG B 50 -4.92 -2.84 42.75
N PRO B 51 -5.26 -1.91 41.82
CA PRO B 51 -6.68 -1.58 41.62
C PRO B 51 -7.54 -2.85 41.48
N THR B 52 -8.56 -2.95 42.33
CA THR B 52 -9.45 -4.10 42.47
C THR B 52 -10.89 -3.63 42.48
N THR B 53 -11.74 -4.27 41.64
CA THR B 53 -13.17 -3.96 41.52
C THR B 53 -13.88 -4.27 42.84
N LEU B 54 -14.75 -3.35 43.28
CA LEU B 54 -15.49 -3.47 44.54
C LEU B 54 -16.75 -4.33 44.40
N PHE B 62 -26.95 -1.82 51.02
CA PHE B 62 -25.52 -1.55 51.15
C PHE B 62 -24.67 -2.81 50.97
N GLU B 63 -23.58 -2.69 50.18
CA GLU B 63 -22.62 -3.76 49.86
C GLU B 63 -21.37 -3.63 50.73
N GLU B 64 -20.65 -4.75 50.94
CA GLU B 64 -19.44 -4.78 51.76
C GLU B 64 -18.34 -5.63 51.13
N ALA B 65 -17.08 -5.14 51.23
CA ALA B 65 -15.87 -5.79 50.72
C ALA B 65 -14.73 -5.68 51.73
N HIS B 66 -13.92 -6.75 51.82
CA HIS B 66 -12.77 -6.88 52.72
C HIS B 66 -11.47 -6.92 51.94
N PHE B 67 -10.47 -6.20 52.45
CA PHE B 67 -9.13 -6.11 51.86
C PHE B 67 -8.05 -6.28 52.93
N THR B 68 -6.89 -6.83 52.52
CA THR B 68 -5.73 -7.07 53.38
C THR B 68 -4.45 -6.68 52.61
N PHE B 69 -3.47 -6.12 53.33
CA PHE B 69 -2.15 -5.76 52.80
C PHE B 69 -1.15 -5.84 53.94
N ALA B 70 0.13 -5.99 53.60
CA ALA B 70 1.23 -6.05 54.57
C ALA B 70 2.37 -5.19 54.09
N LEU B 71 3.13 -4.62 55.03
CA LEU B 71 4.27 -3.76 54.70
C LEU B 71 5.55 -4.55 54.94
N THR B 72 6.59 -4.35 54.08
CA THR B 72 7.90 -5.02 54.27
C THR B 72 8.63 -4.27 55.42
N PRO B 73 9.66 -4.85 56.09
CA PRO B 73 10.36 -4.08 57.14
C PRO B 73 10.96 -2.78 56.61
N GLN B 74 11.34 -2.76 55.32
CA GLN B 74 11.89 -1.63 54.57
C GLN B 74 10.83 -0.53 54.42
N GLN B 75 9.58 -0.91 54.07
CA GLN B 75 8.47 0.03 53.89
C GLN B 75 8.08 0.68 55.23
N VAL B 76 8.09 -0.11 56.33
CA VAL B 76 7.83 0.34 57.70
C VAL B 76 8.90 1.36 58.14
N GLN B 77 10.18 1.08 57.88
CA GLN B 77 11.30 1.96 58.23
C GLN B 77 11.20 3.33 57.53
N GLN B 78 10.85 3.31 56.24
CA GLN B 78 10.66 4.51 55.40
C GLN B 78 9.60 5.43 56.01
N ILE B 79 8.44 4.85 56.39
CA ILE B 79 7.33 5.57 57.03
C ILE B 79 7.75 6.18 58.37
N LEU B 80 8.23 5.34 59.32
CA LEU B 80 8.58 5.74 60.68
C LEU B 80 9.67 6.81 60.78
N THR B 81 10.61 6.85 59.81
CA THR B 81 11.71 7.83 59.82
C THR B 81 11.39 9.07 58.97
N SER B 82 10.16 9.17 58.44
CA SER B 82 9.78 10.32 57.63
C SER B 82 9.03 11.44 58.43
N ARG B 83 9.35 11.56 59.74
CA ARG B 83 8.89 12.55 60.74
C ARG B 83 7.45 12.33 61.18
N ASP B 92 2.65 13.98 61.68
CA ASP B 92 2.49 13.65 60.26
C ASP B 92 3.77 13.07 59.64
N TYR B 93 3.63 12.02 58.81
CA TYR B 93 4.75 11.37 58.13
C TYR B 93 4.78 11.83 56.68
N THR B 94 5.98 11.92 56.07
CA THR B 94 6.07 12.33 54.66
C THR B 94 5.93 11.09 53.74
N ILE B 95 6.39 9.88 54.18
CA ILE B 95 6.16 8.62 53.46
C ILE B 95 4.87 8.06 54.10
N GLN B 96 3.84 7.84 53.28
CA GLN B 96 2.50 7.45 53.75
C GLN B 96 1.88 6.26 53.02
N VAL B 97 0.78 5.74 53.61
CA VAL B 97 -0.07 4.70 53.03
C VAL B 97 -1.30 5.48 52.49
N GLN B 98 -1.52 5.40 51.18
CA GLN B 98 -2.61 6.10 50.51
C GLN B 98 -3.65 5.16 49.94
N LEU B 99 -4.91 5.36 50.34
CA LEU B 99 -6.08 4.63 49.85
C LEU B 99 -6.75 5.47 48.78
N ARG B 100 -7.02 4.86 47.62
CA ARG B 100 -7.63 5.54 46.49
C ARG B 100 -8.83 4.76 45.95
N PHE B 101 -9.93 5.47 45.63
CA PHE B 101 -11.15 4.91 45.01
C PHE B 101 -11.35 5.56 43.66
N CYS B 102 -12.00 4.85 42.75
CA CYS B 102 -12.30 5.37 41.41
C CYS B 102 -13.39 4.55 40.77
N LEU B 103 -13.86 5.02 39.60
CA LEU B 103 -14.82 4.32 38.76
C LEU B 103 -14.09 3.13 38.13
N CYS B 104 -14.76 1.99 37.96
CA CYS B 104 -14.15 0.84 37.30
C CYS B 104 -14.17 1.08 35.78
N GLU B 105 -13.29 1.99 35.29
CA GLU B 105 -13.19 2.33 33.87
C GLU B 105 -11.74 2.16 33.37
N THR B 106 -11.58 1.70 32.11
CA THR B 106 -10.29 1.34 31.51
C THR B 106 -9.73 2.26 30.40
N SER B 107 -10.58 3.04 29.71
CA SER B 107 -10.14 3.89 28.58
C SER B 107 -9.11 4.99 28.93
N CYS B 108 -8.96 5.37 30.20
CA CYS B 108 -8.00 6.39 30.61
C CYS B 108 -7.60 6.24 32.09
N PRO B 109 -6.39 6.70 32.53
CA PRO B 109 -6.06 6.68 33.97
C PRO B 109 -7.16 7.41 34.76
N GLN B 110 -7.65 6.77 35.83
CA GLN B 110 -8.77 7.28 36.62
C GLN B 110 -8.39 8.24 37.74
N GLU B 111 -9.20 9.30 37.88
CA GLU B 111 -9.09 10.28 38.96
C GLU B 111 -9.91 9.73 40.13
N ASP B 112 -9.72 10.27 41.33
CA ASP B 112 -10.45 9.83 42.51
C ASP B 112 -11.95 10.11 42.39
N TYR B 113 -12.77 9.08 42.71
CA TYR B 113 -14.23 9.10 42.65
C TYR B 113 -14.71 8.13 43.68
N PHE B 114 -15.45 8.64 44.66
CA PHE B 114 -16.01 7.86 45.76
C PHE B 114 -17.34 7.20 45.36
N PRO B 115 -17.55 5.90 45.70
CA PRO B 115 -18.87 5.28 45.45
C PRO B 115 -19.89 5.90 46.42
N PRO B 116 -21.22 5.88 46.12
CA PRO B 116 -22.17 6.49 47.05
C PRO B 116 -22.21 5.77 48.41
N ASN B 117 -22.52 6.54 49.47
CA ASN B 117 -22.62 6.12 50.87
C ASN B 117 -21.37 5.38 51.33
N LEU B 118 -20.19 5.89 50.90
CA LEU B 118 -18.90 5.29 51.21
C LEU B 118 -18.56 5.43 52.69
N PHE B 119 -18.26 4.29 53.32
CA PHE B 119 -17.83 4.17 54.70
C PHE B 119 -16.63 3.23 54.67
N VAL B 120 -15.53 3.64 55.32
CA VAL B 120 -14.28 2.86 55.37
C VAL B 120 -13.88 2.60 56.82
N LYS B 121 -13.32 1.42 57.07
CA LYS B 121 -12.76 1.03 58.37
C LYS B 121 -11.37 0.47 58.13
N VAL B 122 -10.36 1.04 58.79
CA VAL B 122 -8.96 0.59 58.69
C VAL B 122 -8.58 0.00 60.04
N ASN B 123 -8.23 -1.30 60.07
CA ASN B 123 -7.86 -2.07 61.27
C ASN B 123 -8.89 -1.88 62.43
N GLY B 124 -10.19 -1.93 62.06
CA GLY B 124 -11.31 -1.78 62.97
C GLY B 124 -11.71 -0.36 63.33
N LYS B 125 -10.98 0.67 62.86
CA LYS B 125 -11.29 2.07 63.20
C LYS B 125 -12.02 2.81 62.10
N LEU B 126 -12.99 3.66 62.50
CA LEU B 126 -13.73 4.50 61.56
C LEU B 126 -12.71 5.39 60.84
N CYS B 127 -12.64 5.27 59.51
CA CYS B 127 -11.70 6.06 58.72
C CYS B 127 -12.32 7.41 58.36
N PRO B 128 -11.71 8.54 58.78
CA PRO B 128 -12.28 9.85 58.46
C PRO B 128 -12.19 10.20 56.98
N LEU B 129 -13.29 10.72 56.44
CA LEU B 129 -13.41 11.06 55.02
C LEU B 129 -13.53 12.58 54.79
N PRO B 130 -13.27 13.11 53.57
CA PRO B 130 -13.42 14.56 53.35
C PRO B 130 -14.87 15.00 53.61
N GLY B 131 -15.04 16.10 54.32
CA GLY B 131 -16.34 16.65 54.69
C GLY B 131 -17.23 17.05 53.51
N TYR B 132 -18.56 17.00 53.72
CA TYR B 132 -19.58 17.36 52.74
C TYR B 132 -19.58 18.87 52.46
N LYS B 143 -23.08 16.72 48.63
CA LYS B 143 -21.96 16.39 47.76
C LYS B 143 -20.64 16.34 48.54
N ARG B 144 -19.92 15.20 48.47
CA ARG B 144 -18.63 14.97 49.14
C ARG B 144 -17.47 14.99 48.13
N PRO B 145 -16.38 15.78 48.37
CA PRO B 145 -15.26 15.80 47.41
C PRO B 145 -14.45 14.50 47.44
N SER B 146 -14.20 13.95 46.24
CA SER B 146 -13.44 12.73 46.04
C SER B 146 -11.95 13.06 46.01
N ARG B 147 -11.21 12.47 46.95
CA ARG B 147 -9.79 12.72 47.14
C ARG B 147 -9.06 11.48 47.67
N PRO B 148 -7.70 11.36 47.49
CA PRO B 148 -6.97 10.25 48.13
C PRO B 148 -7.14 10.28 49.67
N ILE B 149 -7.09 9.10 50.32
CA ILE B 149 -7.25 9.04 51.78
C ILE B 149 -5.94 8.58 52.40
N ASN B 150 -5.39 9.40 53.31
CA ASN B 150 -4.19 9.10 54.07
C ASN B 150 -4.62 8.17 55.22
N ILE B 151 -4.34 6.85 55.09
CA ILE B 151 -4.73 5.86 56.11
C ILE B 151 -3.54 5.52 57.06
N THR B 152 -2.40 6.20 56.89
CA THR B 152 -1.20 6.05 57.70
C THR B 152 -1.52 6.14 59.22
N PRO B 153 -2.27 7.19 59.75
CA PRO B 153 -2.57 7.23 61.20
C PRO B 153 -3.35 6.05 61.75
N LEU B 154 -3.95 5.23 60.87
CA LEU B 154 -4.76 4.06 61.22
C LEU B 154 -4.08 2.74 60.85
N ALA B 155 -2.92 2.81 60.18
CA ALA B 155 -2.20 1.59 59.77
C ALA B 155 -1.32 1.01 60.90
N ARG B 156 -1.12 -0.32 60.87
CA ARG B 156 -0.25 -1.03 61.81
C ARG B 156 1.12 -0.97 61.14
N LEU B 157 1.99 -0.10 61.65
CA LEU B 157 3.30 0.16 61.05
C LEU B 157 4.32 -0.84 61.56
N SER B 158 4.09 -2.12 61.21
CA SER B 158 4.87 -3.30 61.54
C SER B 158 4.76 -4.30 60.37
N ALA B 159 5.81 -5.09 60.13
CA ALA B 159 5.83 -6.11 59.08
C ALA B 159 5.29 -7.46 59.57
N THR B 160 5.20 -7.61 60.91
CA THR B 160 4.78 -8.82 61.63
C THR B 160 3.25 -9.06 61.66
N VAL B 161 2.43 -8.06 61.29
CA VAL B 161 0.96 -8.16 61.31
C VAL B 161 0.31 -7.66 60.00
N PRO B 162 -0.87 -8.21 59.58
CA PRO B 162 -1.50 -7.66 58.38
C PRO B 162 -2.33 -6.41 58.70
N ASN B 163 -2.69 -5.66 57.66
CA ASN B 163 -3.53 -4.49 57.77
C ASN B 163 -4.83 -4.81 57.06
N THR B 164 -5.97 -4.43 57.65
CA THR B 164 -7.28 -4.72 57.08
C THR B 164 -8.00 -3.44 56.69
N ILE B 165 -8.86 -3.56 55.68
CA ILE B 165 -9.70 -2.48 55.17
C ILE B 165 -11.09 -3.07 54.91
N VAL B 166 -12.12 -2.48 55.53
CA VAL B 166 -13.52 -2.88 55.33
C VAL B 166 -14.21 -1.67 54.69
N VAL B 167 -14.77 -1.88 53.50
CA VAL B 167 -15.41 -0.83 52.70
C VAL B 167 -16.90 -1.13 52.50
N ASN B 168 -17.74 -0.13 52.81
CA ASN B 168 -19.19 -0.18 52.64
C ASN B 168 -19.57 0.95 51.72
N TRP B 169 -20.48 0.65 50.79
CA TRP B 169 -20.99 1.58 49.77
C TRP B 169 -22.28 0.96 49.17
N SER B 170 -23.07 1.78 48.43
CA SER B 170 -24.27 1.33 47.70
C SER B 170 -24.00 1.50 46.19
N SER B 171 -24.49 0.58 45.34
CA SER B 171 -24.27 0.62 43.89
C SER B 171 -25.36 1.36 43.13
N GLU B 172 -24.99 2.11 42.08
CA GLU B 172 -25.90 2.87 41.23
C GLU B 172 -25.84 2.39 39.79
N ARG B 175 -23.28 1.13 38.33
CA ARG B 175 -21.86 1.48 38.22
C ARG B 175 -21.01 0.58 39.12
N ASN B 176 -19.79 0.27 38.64
CA ASN B 176 -18.81 -0.51 39.38
C ASN B 176 -17.67 0.41 39.78
N TYR B 177 -17.10 0.15 40.95
CA TYR B 177 -16.02 0.97 41.51
C TYR B 177 -14.79 0.13 41.78
N SER B 178 -13.64 0.79 41.90
CA SER B 178 -12.35 0.13 42.10
C SER B 178 -11.62 0.76 43.29
N LEU B 179 -10.85 -0.06 44.04
CA LEU B 179 -10.04 0.34 45.21
C LEU B 179 -8.59 -0.03 44.97
N SER B 180 -7.68 0.82 45.44
CA SER B 180 -6.25 0.58 45.40
C SER B 180 -5.57 1.23 46.61
N VAL B 181 -4.41 0.69 47.00
CA VAL B 181 -3.61 1.16 48.11
C VAL B 181 -2.16 1.28 47.63
N TYR B 182 -1.52 2.43 47.95
CA TYR B 182 -0.15 2.75 47.55
C TYR B 182 0.70 3.21 48.70
N LEU B 183 2.03 3.05 48.57
CA LEU B 183 3.00 3.62 49.50
C LEU B 183 3.48 4.86 48.73
N VAL B 184 3.37 6.05 49.33
CA VAL B 184 3.68 7.30 48.65
C VAL B 184 4.60 8.19 49.45
N ARG B 185 5.28 9.13 48.77
CA ARG B 185 6.04 10.23 49.38
C ARG B 185 5.20 11.48 49.06
N GLN B 186 4.78 12.22 50.10
CA GLN B 186 4.07 13.49 49.94
C GLN B 186 5.14 14.56 49.65
N LEU B 187 5.08 15.18 48.45
CA LEU B 187 6.01 16.21 47.95
C LEU B 187 5.60 17.61 48.43
N THR B 188 6.55 18.57 48.41
CA THR B 188 6.30 19.95 48.83
C THR B 188 5.96 20.80 47.62
N ALA B 189 5.38 21.99 47.87
CA ALA B 189 5.05 22.98 46.86
C ALA B 189 6.34 23.46 46.14
N GLY B 190 7.44 23.61 46.89
CA GLY B 190 8.75 23.98 46.41
C GLY B 190 9.33 22.99 45.41
N THR B 191 9.08 21.68 45.63
CA THR B 191 9.50 20.59 44.74
C THR B 191 8.63 20.62 43.46
N LEU B 192 7.30 20.87 43.58
CA LEU B 192 6.39 20.94 42.44
C LEU B 192 6.69 22.13 41.58
N LEU B 193 7.08 23.25 42.23
CA LEU B 193 7.45 24.48 41.54
C LEU B 193 8.62 24.23 40.65
N GLN B 194 9.65 23.51 41.17
CA GLN B 194 10.84 23.16 40.41
C GLN B 194 10.57 22.12 39.27
N LYS B 195 9.65 21.17 39.47
CA LYS B 195 9.24 20.24 38.41
C LYS B 195 8.56 21.08 37.29
N LEU B 196 7.71 22.06 37.68
CA LEU B 196 7.00 22.99 36.76
C LEU B 196 7.97 23.91 36.00
N ARG B 197 8.94 24.56 36.70
CA ARG B 197 9.94 25.41 36.07
C ARG B 197 10.83 24.58 35.15
N ALA B 198 10.95 23.23 35.39
CA ALA B 198 11.76 22.30 34.57
C ALA B 198 11.12 22.01 33.20
N LYS B 199 9.77 22.11 33.09
CA LYS B 199 9.01 21.99 31.81
C LYS B 199 9.25 23.20 30.86
N GLY B 200 9.97 24.25 31.32
CA GLY B 200 10.29 25.42 30.53
C GLY B 200 9.22 26.49 30.41
N ILE B 201 9.50 27.49 29.58
CA ILE B 201 8.68 28.67 29.32
C ILE B 201 7.93 28.54 27.97
N ARG B 202 6.61 28.89 27.96
CA ARG B 202 5.76 28.84 26.77
C ARG B 202 6.17 30.00 25.86
N ASN B 203 6.34 29.72 24.56
CA ASN B 203 6.75 30.72 23.56
C ASN B 203 6.05 32.07 23.76
N PRO B 204 6.80 33.22 23.89
CA PRO B 204 6.12 34.52 24.03
C PRO B 204 5.23 34.86 22.85
N ASP B 205 5.49 34.27 21.69
CA ASP B 205 4.66 34.47 20.47
C ASP B 205 3.26 33.84 20.58
N HIS B 206 3.06 32.83 21.44
CA HIS B 206 1.71 32.23 21.62
C HIS B 206 0.74 33.25 22.24
N SER B 207 1.25 34.04 23.21
CA SER B 207 0.47 35.08 23.89
C SER B 207 0.26 36.24 22.94
N ARG B 208 1.32 36.65 22.19
CA ARG B 208 1.26 37.74 21.21
C ARG B 208 0.16 37.46 20.18
N ALA B 209 0.05 36.19 19.73
CA ALA B 209 -0.96 35.74 18.77
C ALA B 209 -2.35 35.72 19.40
N LEU B 210 -2.45 35.36 20.69
CA LEU B 210 -3.73 35.33 21.43
C LEU B 210 -4.29 36.75 21.62
N ILE B 211 -3.39 37.74 21.87
CA ILE B 211 -3.67 39.17 22.01
C ILE B 211 -4.18 39.74 20.67
N LYS B 212 -3.49 39.41 19.55
CA LYS B 212 -3.83 39.81 18.19
C LYS B 212 -5.26 39.35 17.90
N GLU B 213 -5.54 38.05 18.12
CA GLU B 213 -6.85 37.40 17.94
C GLU B 213 -7.97 38.15 18.68
N LYS B 214 -7.77 38.39 20.00
CA LYS B 214 -8.72 39.07 20.90
C LYS B 214 -8.95 40.53 20.49
N LEU B 215 -7.94 41.15 19.87
CA LEU B 215 -7.99 42.53 19.45
C LEU B 215 -8.37 42.71 17.97
N THR B 216 -8.65 41.61 17.26
CA THR B 216 -9.13 41.75 15.89
C THR B 216 -10.64 41.89 16.00
N ALA B 217 -11.15 43.02 15.54
CA ALA B 217 -12.55 43.39 15.61
C ALA B 217 -13.41 42.65 14.60
N ASP B 218 -14.49 42.03 15.11
CA ASP B 218 -15.53 41.33 14.36
C ASP B 218 -16.21 42.38 13.46
N PRO B 219 -16.31 42.16 12.13
CA PRO B 219 -16.91 43.19 11.25
C PRO B 219 -18.41 43.46 11.44
N ASP B 220 -19.13 42.52 12.09
CA ASP B 220 -20.57 42.63 12.37
C ASP B 220 -20.82 43.32 13.72
N SER B 221 -19.74 43.63 14.48
CA SER B 221 -19.80 44.25 15.81
C SER B 221 -19.83 45.79 15.77
N GLU B 222 -20.36 46.39 16.86
CA GLU B 222 -20.49 47.83 17.03
C GLU B 222 -19.41 48.30 18.02
N SER B 227 -8.21 47.66 22.91
CA SER B 227 -7.01 47.40 23.72
C SER B 227 -7.29 46.48 24.91
N LEU B 228 -6.31 45.63 25.24
CA LEU B 228 -6.38 44.63 26.31
C LEU B 228 -5.60 45.09 27.55
N ARG B 229 -6.13 44.81 28.74
CA ARG B 229 -5.50 45.20 30.02
C ARG B 229 -5.24 43.98 30.90
N VAL B 230 -4.02 43.86 31.41
CA VAL B 230 -3.62 42.79 32.33
C VAL B 230 -2.77 43.39 33.45
N SER B 231 -2.76 42.71 34.61
CA SER B 231 -1.99 43.11 35.79
C SER B 231 -0.73 42.27 35.93
N LEU B 232 0.38 42.91 36.35
CA LEU B 232 1.65 42.24 36.58
C LEU B 232 1.77 41.77 38.01
N MET B 233 0.72 42.02 38.81
CA MET B 233 0.54 41.62 40.21
C MET B 233 -0.30 40.31 40.23
N CYS B 234 -0.05 39.44 41.20
CA CYS B 234 -0.80 38.18 41.28
C CYS B 234 -2.24 38.45 41.74
N PRO B 235 -3.26 37.95 41.01
CA PRO B 235 -4.66 38.18 41.44
C PRO B 235 -5.02 37.42 42.71
N LEU B 236 -4.20 36.41 43.06
CA LEU B 236 -4.34 35.59 44.26
C LEU B 236 -3.62 36.19 45.49
N GLY B 237 -2.34 36.53 45.35
CA GLY B 237 -1.54 37.02 46.46
C GLY B 237 -1.22 38.49 46.53
N LYS B 238 -1.62 39.27 45.49
CA LYS B 238 -1.52 40.74 45.36
C LYS B 238 -0.10 41.30 45.20
N MET B 239 0.91 40.45 45.28
CA MET B 239 2.29 40.84 45.13
C MET B 239 2.69 40.66 43.65
N ARG B 240 3.78 41.28 43.22
CA ARG B 240 4.26 41.19 41.84
C ARG B 240 4.53 39.72 41.47
N LEU B 241 4.12 39.34 40.28
CA LEU B 241 4.33 37.99 39.72
C LEU B 241 5.82 37.70 39.54
N THR B 242 6.25 36.47 39.92
CA THR B 242 7.60 35.94 39.79
C THR B 242 7.56 34.85 38.71
N VAL B 243 6.65 33.89 38.88
CA VAL B 243 6.43 32.81 37.93
C VAL B 243 5.01 33.01 37.36
N PRO B 244 4.86 33.77 36.24
CA PRO B 244 3.51 34.02 35.70
C PRO B 244 2.91 32.77 35.10
N CYS B 245 1.92 32.26 35.79
CA CYS B 245 1.36 30.98 35.48
C CYS B 245 -0.12 31.00 35.04
N ARG B 246 -0.51 30.01 34.22
CA ARG B 246 -1.88 29.84 33.74
C ARG B 246 -2.11 28.43 33.21
N ALA B 247 -3.35 27.92 33.29
CA ALA B 247 -3.70 26.64 32.66
C ALA B 247 -3.84 26.89 31.14
N LEU B 248 -3.44 25.90 30.31
CA LEU B 248 -3.55 25.94 28.84
C LEU B 248 -5.00 26.19 28.41
N THR B 249 -5.95 25.60 29.14
CA THR B 249 -7.39 25.64 28.91
C THR B 249 -8.05 26.98 29.26
N CYS B 250 -7.37 27.84 30.07
CA CYS B 250 -7.87 29.18 30.44
C CYS B 250 -7.94 30.06 29.19
N ALA B 251 -9.05 30.82 29.03
CA ALA B 251 -9.28 31.73 27.88
C ALA B 251 -8.62 33.12 28.04
N HIS B 252 -8.57 33.64 29.28
CA HIS B 252 -8.01 34.95 29.65
C HIS B 252 -6.49 35.00 29.52
N LEU B 253 -5.91 36.21 29.47
CA LEU B 253 -4.46 36.39 29.42
C LEU B 253 -3.84 36.62 30.81
N GLN B 254 -4.61 37.17 31.77
CA GLN B 254 -4.16 37.39 33.14
C GLN B 254 -3.60 36.10 33.76
N SER B 255 -2.35 36.18 34.21
CA SER B 255 -1.67 35.05 34.84
C SER B 255 -1.71 35.21 36.36
N PHE B 256 -1.35 34.14 37.06
CA PHE B 256 -1.29 34.10 38.51
C PHE B 256 0.07 33.52 38.92
N ASP B 257 0.48 33.68 40.18
CA ASP B 257 1.78 33.20 40.60
C ASP B 257 1.78 31.73 40.83
N ALA B 258 2.68 31.01 40.13
CA ALA B 258 2.85 29.56 40.25
C ALA B 258 3.21 29.13 41.66
N ALA B 259 4.23 29.76 42.31
CA ALA B 259 4.69 29.38 43.66
C ALA B 259 3.57 29.47 44.68
N LEU B 260 2.82 30.59 44.63
CA LEU B 260 1.70 30.85 45.51
C LEU B 260 0.52 29.92 45.26
N TYR B 261 0.24 29.62 43.99
CA TYR B 261 -0.86 28.70 43.62
C TYR B 261 -0.55 27.25 44.04
N LEU B 262 0.73 26.84 44.02
CA LEU B 262 1.13 25.48 44.45
C LEU B 262 1.15 25.39 45.99
N GLN B 263 1.57 26.50 46.67
CA GLN B 263 1.57 26.70 48.13
C GLN B 263 0.13 26.48 48.64
N MET B 264 -0.86 27.02 47.90
CA MET B 264 -2.27 26.90 48.24
C MET B 264 -2.82 25.48 48.03
N ASN B 265 -2.46 24.83 46.91
CA ASN B 265 -2.96 23.49 46.61
C ASN B 265 -2.25 22.38 47.42
N GLU B 266 -1.14 22.73 48.07
CA GLU B 266 -0.38 21.81 48.94
C GLU B 266 -1.26 21.52 50.15
N LYS B 267 -1.83 22.58 50.75
CA LYS B 267 -2.72 22.48 51.91
C LYS B 267 -4.12 21.95 51.52
N LYS B 268 -4.81 22.65 50.59
CA LYS B 268 -6.15 22.29 50.12
C LYS B 268 -6.12 22.12 48.56
N PRO B 269 -6.09 20.86 48.00
CA PRO B 269 -5.99 20.72 46.52
C PRO B 269 -7.32 20.80 45.77
N THR B 270 -7.74 22.04 45.43
CA THR B 270 -8.97 22.29 44.67
C THR B 270 -8.66 22.46 43.18
N TRP B 271 -7.40 22.81 42.84
CA TRP B 271 -6.87 23.06 41.49
C TRP B 271 -7.85 23.90 40.63
N THR B 272 -8.28 25.05 41.17
CA THR B 272 -9.21 26.02 40.55
C THR B 272 -8.46 27.32 40.20
N CYS B 273 -8.64 27.82 38.97
CA CYS B 273 -8.02 29.06 38.55
C CYS B 273 -8.48 30.25 39.40
N PRO B 274 -7.55 31.01 40.04
CA PRO B 274 -7.98 32.17 40.85
C PRO B 274 -8.49 33.35 40.04
N VAL B 275 -8.34 33.30 38.69
CA VAL B 275 -8.79 34.36 37.79
C VAL B 275 -10.22 34.10 37.26
N CYS B 276 -10.45 32.96 36.58
CA CYS B 276 -11.70 32.63 35.92
C CYS B 276 -12.54 31.56 36.63
N ASP B 277 -12.04 30.92 37.71
CA ASP B 277 -12.78 29.92 38.50
C ASP B 277 -13.08 28.59 37.77
N LYS B 278 -12.41 28.35 36.65
CA LYS B 278 -12.51 27.08 35.93
C LYS B 278 -11.42 26.17 36.51
N LYS B 279 -11.44 24.89 36.12
CA LYS B 279 -10.46 23.92 36.56
C LYS B 279 -9.07 24.28 36.01
N ALA B 280 -8.06 24.32 36.90
CA ALA B 280 -6.69 24.61 36.49
C ALA B 280 -5.76 23.51 37.02
N PRO B 281 -5.88 22.26 36.46
CA PRO B 281 -5.03 21.17 36.95
C PRO B 281 -3.57 21.46 36.79
N TYR B 282 -2.73 20.79 37.60
CA TYR B 282 -1.27 20.94 37.58
C TYR B 282 -0.65 20.63 36.19
N GLU B 283 -1.17 19.59 35.52
CA GLU B 283 -0.72 19.07 34.22
C GLU B 283 -1.01 20.04 33.07
N SER B 284 -1.95 20.97 33.28
CA SER B 284 -2.38 21.99 32.32
C SER B 284 -1.52 23.27 32.42
N LEU B 285 -0.76 23.42 33.52
CA LEU B 285 -0.04 24.65 33.80
C LEU B 285 1.13 24.94 32.86
N ILE B 286 1.19 26.21 32.41
CA ILE B 286 2.26 26.76 31.59
C ILE B 286 2.85 28.02 32.26
N ILE B 287 4.06 28.41 31.85
CA ILE B 287 4.67 29.64 32.29
C ILE B 287 4.64 30.53 31.07
N ASP B 288 3.89 31.66 31.13
CA ASP B 288 3.73 32.56 30.00
C ASP B 288 5.06 33.34 29.73
N GLY B 289 5.70 33.04 28.60
CA GLY B 289 6.91 33.68 28.13
C GLY B 289 6.77 35.16 27.84
N LEU B 290 5.58 35.62 27.42
CA LEU B 290 5.38 37.04 27.21
C LEU B 290 5.45 37.83 28.54
N PHE B 291 4.77 37.34 29.59
CA PHE B 291 4.80 37.98 30.91
C PHE B 291 6.21 37.89 31.50
N MET B 292 6.94 36.77 31.27
CA MET B 292 8.33 36.59 31.70
C MET B 292 9.22 37.75 31.16
N GLU B 293 9.09 38.08 29.86
CA GLU B 293 9.85 39.18 29.22
C GLU B 293 9.52 40.54 29.78
N ILE B 294 8.22 40.84 29.95
CA ILE B 294 7.70 42.10 30.48
C ILE B 294 8.14 42.26 31.94
N LEU B 295 8.07 41.17 32.76
CA LEU B 295 8.47 41.22 34.17
C LEU B 295 9.96 41.53 34.33
N SER B 296 10.78 40.97 33.42
CA SER B 296 12.23 41.16 33.34
C SER B 296 12.66 42.59 32.94
N SER B 297 11.88 43.26 32.09
CA SER B 297 12.18 44.60 31.55
C SER B 297 11.41 45.75 32.24
N CYS B 298 10.19 45.49 32.67
CA CYS B 298 9.34 46.47 33.32
C CYS B 298 9.23 46.19 34.83
N SER B 299 9.25 47.23 35.68
CA SER B 299 9.18 47.06 37.14
C SER B 299 8.37 48.14 37.86
N ASP B 300 8.30 49.35 37.29
CA ASP B 300 7.63 50.51 37.90
C ASP B 300 6.09 50.49 37.86
N CYS B 301 5.46 49.53 37.12
CA CYS B 301 3.98 49.55 37.05
C CYS B 301 3.31 48.19 37.36
N ASP B 302 2.03 48.29 37.78
CA ASP B 302 1.17 47.19 38.18
C ASP B 302 0.33 46.62 37.04
N GLU B 303 -0.01 47.44 36.02
CA GLU B 303 -0.90 47.05 34.91
C GLU B 303 -0.39 47.53 33.55
N ILE B 304 -0.50 46.63 32.56
CA ILE B 304 -0.05 46.77 31.18
C ILE B 304 -1.26 46.86 30.24
N GLN B 305 -1.11 47.57 29.14
CA GLN B 305 -2.14 47.71 28.11
C GLN B 305 -1.57 47.26 26.78
N PHE B 306 -2.22 46.31 26.09
CA PHE B 306 -1.81 45.82 24.76
C PHE B 306 -2.67 46.45 23.67
N MET B 307 -2.06 46.93 22.58
CA MET B 307 -2.75 47.58 21.46
C MET B 307 -2.91 46.69 20.23
N ASP B 309 -1.74 46.52 17.17
CA ASP B 309 -0.44 47.10 16.87
C ASP B 309 0.73 46.26 17.43
N GLY B 310 0.41 45.29 18.28
CA GLY B 310 1.38 44.39 18.92
C GLY B 310 2.06 44.95 20.16
N SER B 311 2.22 46.29 20.21
CA SER B 311 2.87 47.02 21.29
C SER B 311 2.09 47.01 22.61
N TRP B 312 2.78 47.40 23.70
CA TRP B 312 2.26 47.54 25.05
C TRP B 312 2.92 48.74 25.77
N CYS B 313 2.31 49.20 26.85
CA CYS B 313 2.76 50.32 27.69
C CYS B 313 2.05 50.27 29.04
N PRO B 314 2.55 50.96 30.12
CA PRO B 314 1.82 50.97 31.41
C PRO B 314 0.44 51.57 31.26
N MET B 315 -0.49 51.18 32.15
CA MET B 315 -1.88 51.64 32.18
C MET B 315 -2.02 53.13 32.53
N ASP C 33 23.63 -10.04 -35.02
CA ASP C 33 22.93 -10.93 -34.09
C ASP C 33 21.38 -10.95 -34.36
N VAL C 34 20.99 -10.73 -35.63
CA VAL C 34 19.61 -10.69 -36.16
C VAL C 34 19.23 -12.07 -36.76
N THR C 35 18.01 -12.57 -36.43
CA THR C 35 17.42 -13.80 -37.00
C THR C 35 16.02 -13.47 -37.46
N MET C 36 15.55 -14.09 -38.56
CA MET C 36 14.21 -13.88 -39.08
C MET C 36 13.27 -14.83 -38.38
N LYS C 37 12.00 -14.42 -38.29
CA LYS C 37 10.90 -15.20 -37.76
C LYS C 37 10.54 -16.24 -38.85
N PRO C 38 10.40 -17.56 -38.51
CA PRO C 38 10.01 -18.53 -39.56
C PRO C 38 8.66 -18.18 -40.20
N LEU C 39 8.51 -18.47 -41.51
CA LEU C 39 7.28 -18.24 -42.26
C LEU C 39 6.48 -19.56 -42.22
N PRO C 40 5.15 -19.54 -41.99
CA PRO C 40 4.42 -20.83 -41.85
C PRO C 40 4.48 -21.76 -43.06
N PHE C 41 4.50 -21.20 -44.28
CA PHE C 41 4.53 -21.96 -45.54
C PHE C 41 5.94 -22.27 -46.08
N TYR C 42 7.01 -21.91 -45.32
CA TYR C 42 8.39 -22.11 -45.78
C TYR C 42 9.29 -22.78 -44.78
N GLU C 43 9.88 -23.90 -45.20
CA GLU C 43 10.86 -24.63 -44.41
C GLU C 43 12.24 -24.30 -44.95
N VAL C 44 13.11 -23.75 -44.09
CA VAL C 44 14.50 -23.37 -44.45
C VAL C 44 15.33 -24.66 -44.64
N TYR C 45 15.92 -24.81 -45.84
CA TYR C 45 16.77 -25.93 -46.21
C TYR C 45 18.23 -25.54 -46.02
N GLY C 46 18.50 -24.25 -46.12
CA GLY C 46 19.83 -23.69 -45.98
C GLY C 46 19.89 -22.17 -45.97
N GLU C 47 21.02 -21.64 -45.50
CA GLU C 47 21.29 -20.22 -45.46
C GLU C 47 22.27 -19.86 -46.56
N LEU C 48 21.82 -19.04 -47.51
CA LEU C 48 22.66 -18.61 -48.63
C LEU C 48 23.38 -17.28 -48.29
N ILE C 49 22.67 -16.30 -47.69
CA ILE C 49 23.26 -15.05 -47.18
C ILE C 49 22.66 -14.84 -45.80
N ARG C 50 23.52 -14.91 -44.76
CA ARG C 50 23.11 -14.72 -43.36
C ARG C 50 22.65 -13.27 -43.13
N PRO C 51 21.78 -12.96 -42.14
CA PRO C 51 21.37 -11.55 -41.93
C PRO C 51 22.57 -10.61 -41.86
N THR C 52 22.59 -9.64 -42.78
CA THR C 52 23.67 -8.67 -42.96
C THR C 52 23.06 -7.29 -42.99
N THR C 53 23.66 -6.34 -42.24
CA THR C 53 23.21 -4.95 -42.17
C THR C 53 23.38 -4.24 -43.51
N LEU C 54 22.32 -3.52 -43.95
CA LEU C 54 22.30 -2.74 -45.20
C LEU C 54 23.01 -1.38 -45.02
N GLU C 63 21.53 5.44 -51.14
CA GLU C 63 22.02 4.23 -50.48
C GLU C 63 21.99 3.01 -51.41
N GLU C 64 23.14 2.33 -51.56
CA GLU C 64 23.31 1.15 -52.41
C GLU C 64 24.23 0.12 -51.77
N ALA C 65 23.80 -1.15 -51.82
CA ALA C 65 24.54 -2.28 -51.26
C ALA C 65 24.57 -3.43 -52.27
N HIS C 66 25.75 -4.04 -52.44
CA HIS C 66 26.00 -5.16 -53.34
C HIS C 66 26.13 -6.44 -52.55
N PHE C 67 25.49 -7.49 -53.04
CA PHE C 67 25.49 -8.80 -52.39
C PHE C 67 25.74 -9.88 -53.41
N THR C 68 26.40 -10.94 -52.97
CA THR C 68 26.75 -12.07 -53.83
C THR C 68 26.49 -13.39 -53.08
N PHE C 69 26.13 -14.45 -53.81
CA PHE C 69 25.92 -15.78 -53.23
C PHE C 69 26.16 -16.88 -54.26
N ALA C 70 26.38 -18.09 -53.76
CA ALA C 70 26.60 -19.27 -54.58
C ALA C 70 25.76 -20.47 -54.11
N LEU C 71 25.25 -21.20 -55.10
CA LEU C 71 24.49 -22.43 -54.89
C LEU C 71 25.45 -23.59 -55.10
N THR C 72 25.26 -24.69 -54.36
CA THR C 72 26.07 -25.89 -54.54
C THR C 72 25.37 -26.81 -55.56
N PRO C 73 26.10 -27.72 -56.26
CA PRO C 73 25.43 -28.59 -57.25
C PRO C 73 24.22 -29.37 -56.70
N GLN C 74 24.27 -29.81 -55.43
CA GLN C 74 23.15 -30.51 -54.80
C GLN C 74 21.94 -29.54 -54.64
N GLN C 75 22.19 -28.24 -54.31
CA GLN C 75 21.16 -27.20 -54.14
C GLN C 75 20.53 -26.86 -55.49
N VAL C 76 21.34 -26.81 -56.57
CA VAL C 76 20.84 -26.59 -57.94
C VAL C 76 19.88 -27.72 -58.35
N GLN C 77 20.29 -28.99 -58.13
CA GLN C 77 19.49 -30.16 -58.51
C GLN C 77 18.16 -30.19 -57.76
N GLN C 78 18.18 -29.77 -56.46
CA GLN C 78 17.00 -29.66 -55.61
C GLN C 78 15.98 -28.69 -56.19
N ILE C 79 16.46 -27.52 -56.66
CA ILE C 79 15.61 -26.50 -57.28
C ILE C 79 15.03 -27.00 -58.63
N LEU C 80 15.89 -27.50 -59.53
CA LEU C 80 15.46 -27.86 -60.88
C LEU C 80 14.53 -29.06 -60.97
N THR C 81 14.54 -29.95 -59.98
CA THR C 81 13.67 -31.12 -59.97
C THR C 81 12.42 -30.90 -59.09
N SER C 82 12.26 -29.70 -58.53
CA SER C 82 11.14 -29.39 -57.62
C SER C 82 9.85 -28.88 -58.33
N ARG C 83 9.71 -29.17 -59.64
CA ARG C 83 8.58 -28.87 -60.56
C ARG C 83 8.64 -27.44 -61.08
N ASP C 92 6.09 -23.22 -61.52
CA ASP C 92 6.76 -22.71 -60.32
C ASP C 92 7.40 -23.83 -59.50
N TYR C 93 8.70 -23.66 -59.15
CA TYR C 93 9.49 -24.61 -58.35
C TYR C 93 9.05 -24.61 -56.89
N THR C 94 9.04 -25.80 -56.24
CA THR C 94 8.66 -25.88 -54.82
C THR C 94 9.91 -25.55 -53.96
N ILE C 95 11.12 -25.98 -54.38
CA ILE C 95 12.39 -25.60 -53.74
C ILE C 95 12.79 -24.26 -54.39
N GLN C 96 12.94 -23.20 -53.55
CA GLN C 96 13.19 -21.85 -54.02
C GLN C 96 14.29 -21.13 -53.29
N VAL C 97 14.72 -19.98 -53.87
CA VAL C 97 15.65 -19.03 -53.32
C VAL C 97 14.76 -17.87 -52.85
N GLN C 98 14.82 -17.57 -51.55
CA GLN C 98 14.01 -16.57 -50.87
C GLN C 98 14.87 -15.40 -50.34
N LEU C 99 14.56 -14.18 -50.78
CA LEU C 99 15.18 -12.94 -50.34
C LEU C 99 14.28 -12.34 -49.26
N ARG C 100 14.86 -11.99 -48.11
CA ARG C 100 14.11 -11.41 -47.00
C ARG C 100 14.77 -10.16 -46.46
N PHE C 101 13.95 -9.14 -46.14
CA PHE C 101 14.40 -7.86 -45.54
C PHE C 101 13.73 -7.70 -44.20
N CYS C 102 14.39 -7.01 -43.25
CA CYS C 102 13.84 -6.73 -41.91
C CYS C 102 14.58 -5.57 -41.25
N LEU C 103 14.12 -5.16 -40.06
CA LEU C 103 14.78 -4.12 -39.26
C LEU C 103 16.03 -4.74 -38.63
N CYS C 104 17.09 -3.94 -38.44
CA CYS C 104 18.30 -4.44 -37.78
C CYS C 104 18.06 -4.44 -36.26
N GLU C 105 17.31 -5.44 -35.76
CA GLU C 105 17.01 -5.56 -34.33
C GLU C 105 17.32 -6.97 -33.83
N THR C 106 17.83 -7.10 -32.58
CA THR C 106 18.29 -8.38 -32.03
C THR C 106 17.44 -9.00 -30.90
N SER C 107 16.56 -8.23 -30.23
CA SER C 107 15.76 -8.72 -29.09
C SER C 107 14.75 -9.84 -29.42
N CYS C 108 14.35 -9.95 -30.70
CA CYS C 108 13.39 -10.98 -31.11
C CYS C 108 13.59 -11.42 -32.58
N PRO C 109 13.14 -12.66 -32.98
CA PRO C 109 13.19 -13.03 -34.40
C PRO C 109 12.33 -12.03 -35.21
N GLN C 110 12.92 -11.45 -36.26
CA GLN C 110 12.31 -10.38 -37.05
C GLN C 110 11.36 -10.82 -38.17
N GLU C 111 10.24 -10.10 -38.30
CA GLU C 111 9.24 -10.28 -39.35
C GLU C 111 9.77 -9.52 -40.55
N ASP C 112 9.28 -9.84 -41.77
CA ASP C 112 9.71 -9.13 -42.99
C ASP C 112 9.32 -7.66 -42.91
N TYR C 113 10.27 -6.78 -43.20
CA TYR C 113 10.09 -5.35 -43.14
C TYR C 113 10.93 -4.71 -44.19
N PHE C 114 10.25 -4.17 -45.22
CA PHE C 114 10.92 -3.50 -46.33
C PHE C 114 11.45 -2.13 -45.94
N PRO C 115 12.71 -1.81 -46.31
CA PRO C 115 13.23 -0.45 -46.06
C PRO C 115 12.56 0.55 -47.03
N PRO C 116 12.40 1.87 -46.68
CA PRO C 116 11.75 2.79 -47.64
C PRO C 116 12.48 2.95 -48.96
N ASN C 117 11.68 3.11 -50.03
CA ASN C 117 12.08 3.25 -51.44
C ASN C 117 12.92 2.04 -51.88
N LEU C 118 12.39 0.83 -51.61
CA LEU C 118 13.08 -0.41 -51.93
C LEU C 118 13.06 -0.73 -53.42
N PHE C 119 14.27 -1.00 -53.92
CA PHE C 119 14.56 -1.34 -55.29
C PHE C 119 15.58 -2.45 -55.25
N VAL C 120 15.23 -3.61 -55.78
CA VAL C 120 16.12 -4.76 -55.81
C VAL C 120 16.45 -5.14 -57.26
N LYS C 121 17.71 -5.51 -57.51
CA LYS C 121 18.20 -6.01 -58.78
C LYS C 121 18.90 -7.34 -58.49
N VAL C 122 18.48 -8.39 -59.19
CA VAL C 122 19.03 -9.75 -59.08
C VAL C 122 19.66 -10.08 -60.43
N ASN C 123 20.99 -10.23 -60.45
CA ASN C 123 21.81 -10.52 -61.65
C ASN C 123 21.56 -9.51 -62.80
N GLY C 124 21.44 -8.24 -62.45
CA GLY C 124 21.22 -7.16 -63.41
C GLY C 124 19.77 -6.91 -63.81
N LYS C 125 18.85 -7.79 -63.39
CA LYS C 125 17.42 -7.69 -63.71
C LYS C 125 16.62 -7.12 -62.55
N LEU C 126 15.58 -6.32 -62.87
CA LEU C 126 14.69 -5.72 -61.86
C LEU C 126 13.92 -6.81 -61.13
N CYS C 127 13.87 -6.71 -59.81
CA CYS C 127 13.17 -7.69 -59.01
C CYS C 127 11.73 -7.22 -58.72
N PRO C 128 10.70 -7.95 -59.22
CA PRO C 128 9.31 -7.51 -58.98
C PRO C 128 8.91 -7.66 -57.50
N LEU C 129 8.40 -6.56 -56.95
CA LEU C 129 8.00 -6.45 -55.54
C LEU C 129 6.49 -6.39 -55.37
N PRO C 130 5.95 -6.70 -54.16
CA PRO C 130 4.49 -6.55 -53.95
C PRO C 130 4.02 -5.10 -54.19
N GLY C 131 2.84 -4.96 -54.79
CA GLY C 131 2.25 -3.66 -55.14
C GLY C 131 1.88 -2.79 -53.96
N TYR C 132 1.95 -1.45 -54.15
CA TYR C 132 1.64 -0.45 -53.13
C TYR C 132 0.17 -0.47 -52.73
N ARG C 144 3.51 -0.42 -49.60
CA ARG C 144 3.50 -1.81 -50.06
C ARG C 144 3.74 -2.84 -48.92
N PRO C 145 3.09 -4.05 -48.96
CA PRO C 145 3.29 -5.01 -47.87
C PRO C 145 4.65 -5.68 -47.92
N SER C 146 5.29 -5.77 -46.74
CA SER C 146 6.59 -6.39 -46.55
C SER C 146 6.42 -7.91 -46.51
N ARG C 147 7.00 -8.59 -47.52
CA ARG C 147 6.87 -10.03 -47.65
C ARG C 147 8.19 -10.65 -48.07
N PRO C 148 8.39 -11.97 -47.88
CA PRO C 148 9.57 -12.64 -48.50
C PRO C 148 9.50 -12.50 -50.03
N ILE C 149 10.66 -12.41 -50.71
CA ILE C 149 10.72 -12.25 -52.17
C ILE C 149 11.30 -13.50 -52.78
N ASN C 150 10.58 -14.09 -53.73
CA ASN C 150 11.03 -15.27 -54.44
C ASN C 150 11.89 -14.75 -55.58
N ILE C 151 13.24 -14.91 -55.46
CA ILE C 151 14.21 -14.48 -56.47
C ILE C 151 14.63 -15.64 -57.41
N THR C 152 14.08 -16.85 -57.21
CA THR C 152 14.33 -18.03 -58.03
C THR C 152 14.15 -17.72 -59.54
N PRO C 153 13.06 -17.02 -60.03
CA PRO C 153 12.95 -16.76 -61.49
C PRO C 153 14.09 -15.91 -62.06
N LEU C 154 14.82 -15.15 -61.21
CA LEU C 154 15.93 -14.29 -61.62
C LEU C 154 17.31 -14.85 -61.20
N ALA C 155 17.32 -16.01 -60.52
CA ALA C 155 18.54 -16.65 -60.05
C ALA C 155 19.22 -17.49 -61.13
N ARG C 156 20.56 -17.58 -61.06
CA ARG C 156 21.36 -18.38 -61.98
C ARG C 156 21.47 -19.76 -61.33
N LEU C 157 20.65 -20.71 -61.83
CA LEU C 157 20.52 -22.06 -61.30
C LEU C 157 21.62 -22.95 -61.85
N SER C 158 22.84 -22.63 -61.43
CA SER C 158 24.10 -23.24 -61.81
C SER C 158 25.09 -22.95 -60.67
N ALA C 159 25.97 -23.91 -60.37
CA ALA C 159 26.98 -23.82 -59.30
C ALA C 159 28.32 -23.23 -59.77
N THR C 160 28.45 -22.95 -61.07
CA THR C 160 29.70 -22.47 -61.69
C THR C 160 29.78 -20.92 -61.90
N VAL C 161 28.71 -20.20 -61.53
CA VAL C 161 28.65 -18.73 -61.70
C VAL C 161 28.13 -18.08 -60.42
N PRO C 162 28.53 -16.83 -60.09
CA PRO C 162 27.96 -16.19 -58.90
C PRO C 162 26.58 -15.60 -59.20
N ASN C 163 25.80 -15.34 -58.14
CA ASN C 163 24.51 -14.68 -58.24
C ASN C 163 24.69 -13.34 -57.53
N THR C 164 24.26 -12.24 -58.15
CA THR C 164 24.40 -10.92 -57.55
C THR C 164 23.05 -10.33 -57.15
N ILE C 165 23.05 -9.56 -56.05
CA ILE C 165 21.90 -8.81 -55.55
C ILE C 165 22.38 -7.38 -55.33
N VAL C 166 21.67 -6.42 -55.90
CA VAL C 166 21.94 -4.99 -55.72
C VAL C 166 20.66 -4.39 -55.14
N VAL C 167 20.79 -3.69 -53.99
CA VAL C 167 19.66 -3.12 -53.26
C VAL C 167 19.81 -1.60 -53.12
N ASN C 168 18.72 -0.87 -53.39
CA ASN C 168 18.62 0.58 -53.21
C ASN C 168 17.49 0.86 -52.24
N TRP C 169 17.73 1.74 -51.26
CA TRP C 169 16.79 2.15 -50.21
C TRP C 169 17.22 3.53 -49.65
N SER C 170 16.44 4.08 -48.70
CA SER C 170 16.74 5.33 -48.00
C SER C 170 16.54 5.11 -46.49
N SER C 171 17.22 5.90 -45.65
CA SER C 171 17.11 5.79 -44.19
C SER C 171 16.43 7.02 -43.60
N ARG C 175 17.81 4.68 -38.65
CA ARG C 175 17.44 3.28 -38.49
C ARG C 175 18.17 2.40 -39.50
N ASN C 176 18.61 1.22 -39.04
CA ASN C 176 19.33 0.24 -39.86
C ASN C 176 18.39 -0.89 -40.26
N TYR C 177 18.68 -1.49 -41.44
CA TYR C 177 17.90 -2.60 -41.99
C TYR C 177 18.79 -3.80 -42.20
N SER C 178 18.19 -4.96 -42.43
CA SER C 178 18.96 -6.20 -42.62
C SER C 178 18.47 -7.01 -43.81
N LEU C 179 19.40 -7.65 -44.52
CA LEU C 179 19.16 -8.51 -45.69
C LEU C 179 19.61 -9.93 -45.39
N SER C 180 18.81 -10.91 -45.81
CA SER C 180 19.18 -12.34 -45.75
C SER C 180 18.59 -13.09 -46.95
N VAL C 181 19.21 -14.22 -47.32
CA VAL C 181 18.81 -15.08 -48.46
C VAL C 181 18.82 -16.54 -47.99
N TYR C 182 17.75 -17.27 -48.31
CA TYR C 182 17.58 -18.67 -47.91
C TYR C 182 17.20 -19.55 -49.07
N LEU C 183 17.54 -20.84 -48.95
CA LEU C 183 17.11 -21.87 -49.85
C LEU C 183 15.95 -22.46 -49.03
N VAL C 184 14.74 -22.46 -49.61
CA VAL C 184 13.55 -22.91 -48.92
C VAL C 184 12.74 -23.93 -49.71
N ARG C 185 11.83 -24.60 -49.00
CA ARG C 185 10.79 -25.45 -49.58
C ARG C 185 9.45 -24.76 -49.27
N GLN C 186 8.65 -24.48 -50.31
CA GLN C 186 7.31 -23.93 -50.12
C GLN C 186 6.34 -25.11 -49.82
N LEU C 187 5.76 -25.12 -48.60
CA LEU C 187 4.83 -26.16 -48.13
C LEU C 187 3.41 -25.98 -48.71
N THR C 188 2.58 -27.04 -48.70
CA THR C 188 1.18 -26.95 -49.13
C THR C 188 0.29 -26.64 -47.90
N ALA C 189 -0.96 -26.18 -48.13
CA ALA C 189 -1.93 -25.91 -47.06
C ALA C 189 -2.32 -27.20 -46.32
N GLY C 190 -2.28 -28.34 -47.03
CA GLY C 190 -2.54 -29.68 -46.52
C GLY C 190 -1.52 -30.14 -45.49
N THR C 191 -0.23 -29.86 -45.74
CA THR C 191 0.90 -30.16 -44.85
C THR C 191 0.76 -29.26 -43.62
N LEU C 192 0.51 -27.96 -43.84
CA LEU C 192 0.31 -26.97 -42.78
C LEU C 192 -0.94 -27.30 -41.94
N LEU C 193 -1.99 -27.86 -42.58
CA LEU C 193 -3.17 -28.31 -41.84
C LEU C 193 -2.81 -29.48 -40.94
N GLN C 194 -2.06 -30.47 -41.46
CA GLN C 194 -1.66 -31.64 -40.67
C GLN C 194 -0.73 -31.28 -39.52
N LYS C 195 0.13 -30.25 -39.68
CA LYS C 195 1.02 -29.74 -38.63
C LYS C 195 0.13 -29.09 -37.54
N LEU C 196 -0.90 -28.35 -37.98
CA LEU C 196 -1.87 -27.69 -37.09
C LEU C 196 -2.65 -28.74 -36.30
N ARG C 197 -3.20 -29.75 -36.97
CA ARG C 197 -3.94 -30.82 -36.31
C ARG C 197 -3.00 -31.62 -35.36
N ALA C 198 -1.69 -31.70 -35.67
CA ALA C 198 -0.69 -32.42 -34.85
C ALA C 198 -0.51 -31.76 -33.45
N LYS C 199 -0.67 -30.41 -33.37
CA LYS C 199 -0.60 -29.59 -32.13
C LYS C 199 -1.75 -29.90 -31.17
N GLY C 200 -2.76 -30.66 -31.65
CA GLY C 200 -3.89 -31.10 -30.85
C GLY C 200 -5.02 -30.11 -30.70
N ILE C 201 -5.99 -30.51 -29.87
CA ILE C 201 -7.23 -29.81 -29.64
C ILE C 201 -7.22 -29.05 -28.27
N ARG C 202 -7.76 -27.79 -28.26
CA ARG C 202 -7.86 -26.93 -27.07
C ARG C 202 -8.94 -27.48 -26.18
N ASN C 203 -8.67 -27.57 -24.88
CA ASN C 203 -9.58 -28.12 -23.87
C ASN C 203 -11.00 -27.53 -24.10
N PRO C 204 -12.07 -28.38 -24.24
CA PRO C 204 -13.42 -27.81 -24.41
C PRO C 204 -13.90 -27.02 -23.19
N ASP C 205 -13.25 -27.22 -22.02
CA ASP C 205 -13.59 -26.47 -20.79
C ASP C 205 -13.13 -25.02 -20.85
N HIS C 206 -12.17 -24.68 -21.72
CA HIS C 206 -11.70 -23.32 -21.93
C HIS C 206 -12.85 -22.49 -22.57
N SER C 207 -13.53 -23.07 -23.58
CA SER C 207 -14.71 -22.46 -24.26
C SER C 207 -15.91 -22.46 -23.37
N ARG C 208 -16.06 -23.48 -22.50
CA ARG C 208 -17.18 -23.51 -21.55
C ARG C 208 -17.01 -22.39 -20.56
N ALA C 209 -15.77 -22.19 -20.06
CA ALA C 209 -15.45 -21.11 -19.12
C ALA C 209 -15.60 -19.71 -19.76
N LEU C 210 -15.33 -19.58 -21.05
CA LEU C 210 -15.47 -18.35 -21.82
C LEU C 210 -16.97 -18.03 -22.01
N ILE C 211 -17.80 -19.05 -22.29
CA ILE C 211 -19.25 -18.92 -22.45
C ILE C 211 -19.85 -18.38 -21.15
N LYS C 212 -19.47 -18.98 -20.00
CA LYS C 212 -19.89 -18.60 -18.65
C LYS C 212 -19.51 -17.14 -18.37
N GLU C 213 -18.30 -16.72 -18.77
CA GLU C 213 -17.75 -15.37 -18.63
C GLU C 213 -18.57 -14.34 -19.41
N LYS C 214 -18.88 -14.65 -20.69
CA LYS C 214 -19.69 -13.83 -21.58
C LYS C 214 -21.15 -13.72 -21.09
N LEU C 215 -21.64 -14.73 -20.37
CA LEU C 215 -23.00 -14.76 -19.85
C LEU C 215 -23.04 -14.21 -18.41
N THR C 216 -21.89 -13.82 -17.89
CA THR C 216 -21.86 -13.23 -16.54
C THR C 216 -22.23 -11.75 -16.71
N ALA C 217 -23.39 -11.36 -16.18
CA ALA C 217 -23.88 -9.99 -16.26
C ALA C 217 -23.14 -9.06 -15.31
N ASP C 218 -22.77 -7.87 -15.84
CA ASP C 218 -22.12 -6.76 -15.16
C ASP C 218 -23.16 -6.16 -14.18
N PRO C 219 -22.85 -5.98 -12.87
CA PRO C 219 -23.85 -5.43 -11.93
C PRO C 219 -24.26 -3.99 -12.26
N ASP C 220 -23.32 -3.22 -12.85
CA ASP C 220 -23.54 -1.84 -13.29
C ASP C 220 -23.74 -1.91 -14.81
N SER C 221 -24.88 -2.52 -15.21
CA SER C 221 -25.33 -2.69 -16.60
C SER C 221 -26.85 -2.82 -16.63
N GLU C 222 -27.46 -2.28 -17.68
CA GLU C 222 -28.91 -2.34 -17.86
C GLU C 222 -29.22 -3.55 -18.73
N VAL C 223 -28.60 -3.58 -19.94
CA VAL C 223 -28.72 -4.63 -20.94
C VAL C 223 -27.72 -5.74 -20.61
N ALA C 224 -28.22 -6.96 -20.41
CA ALA C 224 -27.41 -8.13 -20.08
C ALA C 224 -27.65 -9.32 -21.04
N THR C 225 -26.56 -9.97 -21.48
CA THR C 225 -26.62 -11.14 -22.34
C THR C 225 -27.08 -12.34 -21.52
N THR C 226 -28.20 -12.95 -21.95
CA THR C 226 -28.82 -14.13 -21.34
C THR C 226 -28.64 -15.35 -22.24
N SER C 227 -28.12 -15.13 -23.47
CA SER C 227 -27.95 -16.15 -24.50
C SER C 227 -26.89 -15.75 -25.51
N LEU C 228 -26.04 -16.71 -25.88
CA LEU C 228 -25.01 -16.55 -26.90
C LEU C 228 -25.39 -17.40 -28.11
N ARG C 229 -25.03 -16.94 -29.32
CA ARG C 229 -25.27 -17.74 -30.53
C ARG C 229 -24.02 -17.78 -31.38
N VAL C 230 -23.66 -19.00 -31.79
CA VAL C 230 -22.57 -19.25 -32.71
C VAL C 230 -23.13 -20.06 -33.88
N SER C 231 -22.38 -20.13 -34.97
CA SER C 231 -22.75 -20.92 -36.14
C SER C 231 -21.79 -22.07 -36.29
N LEU C 232 -22.29 -23.22 -36.74
CA LEU C 232 -21.53 -24.42 -37.05
C LEU C 232 -21.08 -24.43 -38.52
N MET C 233 -21.42 -23.36 -39.25
CA MET C 233 -21.08 -23.14 -40.66
C MET C 233 -19.91 -22.17 -40.63
N CYS C 234 -18.98 -22.29 -41.57
CA CYS C 234 -17.81 -21.42 -41.65
C CYS C 234 -18.22 -20.00 -42.15
N PRO C 235 -17.80 -18.92 -41.46
CA PRO C 235 -18.15 -17.56 -41.95
C PRO C 235 -17.39 -17.18 -43.22
N LEU C 236 -16.31 -17.91 -43.50
CA LEU C 236 -15.47 -17.70 -44.68
C LEU C 236 -15.95 -18.54 -45.89
N GLY C 237 -16.28 -19.81 -45.66
CA GLY C 237 -16.69 -20.67 -46.77
C GLY C 237 -18.15 -21.07 -46.85
N LYS C 238 -18.96 -20.73 -45.83
CA LYS C 238 -20.42 -20.97 -45.78
C LYS C 238 -20.84 -22.43 -45.71
N MET C 239 -19.87 -23.36 -45.68
CA MET C 239 -20.11 -24.80 -45.54
C MET C 239 -19.88 -25.15 -44.05
N ARG C 240 -20.30 -26.36 -43.67
CA ARG C 240 -20.17 -26.86 -42.30
C ARG C 240 -18.70 -26.95 -41.94
N LEU C 241 -18.33 -26.48 -40.74
CA LEU C 241 -16.98 -26.57 -40.17
C LEU C 241 -16.54 -28.05 -40.02
N THR C 242 -15.28 -28.33 -40.37
CA THR C 242 -14.61 -29.62 -40.22
C THR C 242 -13.57 -29.46 -39.08
N VAL C 243 -12.59 -28.57 -39.26
CA VAL C 243 -11.61 -28.25 -38.22
C VAL C 243 -11.96 -26.83 -37.71
N PRO C 244 -12.72 -26.71 -36.60
CA PRO C 244 -13.12 -25.37 -36.11
C PRO C 244 -11.95 -24.64 -35.47
N CYS C 245 -11.47 -23.59 -36.10
CA CYS C 245 -10.33 -22.98 -35.46
C CYS C 245 -10.44 -21.47 -35.31
N ARG C 246 -9.56 -20.95 -34.48
CA ARG C 246 -9.52 -19.55 -34.13
C ARG C 246 -8.11 -19.17 -33.65
N ALA C 247 -7.82 -17.85 -33.66
CA ALA C 247 -6.60 -17.30 -33.07
C ALA C 247 -6.86 -17.19 -31.54
N LEU C 248 -5.89 -17.62 -30.70
CA LEU C 248 -5.93 -17.52 -29.23
C LEU C 248 -6.25 -16.09 -28.72
N THR C 249 -5.88 -15.07 -29.54
CA THR C 249 -6.05 -13.62 -29.30
C THR C 249 -7.42 -13.05 -29.76
N CYS C 250 -8.29 -13.91 -30.35
CA CYS C 250 -9.64 -13.50 -30.78
C CYS C 250 -10.56 -13.55 -29.57
N ALA C 251 -11.37 -12.50 -29.36
CA ALA C 251 -12.30 -12.41 -28.23
C ALA C 251 -13.63 -13.18 -28.45
N HIS C 252 -14.04 -13.36 -29.72
CA HIS C 252 -15.29 -14.03 -30.07
C HIS C 252 -15.20 -15.54 -29.91
N LEU C 253 -16.35 -16.21 -29.84
CA LEU C 253 -16.45 -17.66 -29.74
C LEU C 253 -16.55 -18.28 -31.15
N GLN C 254 -17.06 -17.52 -32.14
CA GLN C 254 -17.20 -17.97 -33.53
C GLN C 254 -15.85 -18.47 -34.10
N SER C 255 -15.86 -19.70 -34.66
CA SER C 255 -14.70 -20.34 -35.27
C SER C 255 -14.86 -20.34 -36.78
N PHE C 256 -13.74 -20.54 -37.48
CA PHE C 256 -13.68 -20.62 -38.93
C PHE C 256 -12.98 -21.91 -39.29
N ASP C 257 -13.14 -22.35 -40.54
CA ASP C 257 -12.56 -23.60 -40.99
C ASP C 257 -11.09 -23.43 -41.25
N ALA C 258 -10.28 -24.26 -40.55
CA ALA C 258 -8.82 -24.31 -40.64
C ALA C 258 -8.33 -24.59 -42.04
N ALA C 259 -8.85 -25.65 -42.68
CA ALA C 259 -8.44 -26.06 -44.04
C ALA C 259 -8.62 -24.95 -45.07
N LEU C 260 -9.81 -24.30 -45.06
CA LEU C 260 -10.14 -23.22 -45.96
C LEU C 260 -9.30 -21.97 -45.68
N TYR C 261 -9.10 -21.63 -44.39
CA TYR C 261 -8.29 -20.49 -43.98
C TYR C 261 -6.83 -20.65 -44.43
N LEU C 262 -6.28 -21.88 -44.36
CA LEU C 262 -4.90 -22.13 -44.80
C LEU C 262 -4.79 -22.13 -46.33
N GLN C 263 -5.78 -22.67 -47.04
CA GLN C 263 -5.85 -22.66 -48.52
C GLN C 263 -5.88 -21.23 -49.03
N MET C 264 -6.57 -20.34 -48.30
CA MET C 264 -6.64 -18.93 -48.64
C MET C 264 -5.30 -18.21 -48.40
N ASN C 265 -4.64 -18.49 -47.27
CA ASN C 265 -3.35 -17.87 -46.95
C ASN C 265 -2.20 -18.49 -47.77
N GLU C 266 -2.42 -19.67 -48.35
CA GLU C 266 -1.45 -20.37 -49.22
C GLU C 266 -1.17 -19.51 -50.46
N LYS C 267 -2.22 -18.89 -51.00
CA LYS C 267 -2.18 -18.05 -52.19
C LYS C 267 -1.79 -16.59 -51.88
N LYS C 268 -2.36 -16.01 -50.81
CA LYS C 268 -2.15 -14.62 -50.40
C LYS C 268 -2.09 -14.56 -48.84
N PRO C 269 -0.88 -14.52 -48.21
CA PRO C 269 -0.84 -14.58 -46.73
C PRO C 269 -1.12 -13.27 -46.01
N THR C 270 -2.40 -13.02 -45.73
CA THR C 270 -2.82 -11.82 -44.99
C THR C 270 -2.89 -12.11 -43.48
N TRP C 271 -3.15 -13.40 -43.08
CA TRP C 271 -3.28 -13.90 -41.69
C TRP C 271 -4.21 -13.02 -40.86
N THR C 272 -5.40 -12.72 -41.42
CA THR C 272 -6.46 -11.85 -40.89
C THR C 272 -7.67 -12.73 -40.59
N CYS C 273 -8.27 -12.55 -39.41
CA CYS C 273 -9.45 -13.32 -39.02
C CYS C 273 -10.65 -13.01 -39.94
N PRO C 274 -11.34 -14.03 -40.51
CA PRO C 274 -12.53 -13.71 -41.33
C PRO C 274 -13.75 -13.40 -40.47
N VAL C 275 -13.60 -13.48 -39.12
CA VAL C 275 -14.69 -13.16 -38.18
C VAL C 275 -14.58 -11.70 -37.74
N CYS C 276 -13.50 -11.31 -37.05
CA CYS C 276 -13.33 -9.97 -36.45
C CYS C 276 -12.31 -9.06 -37.17
N ASP C 277 -11.57 -9.59 -38.16
CA ASP C 277 -10.57 -8.85 -38.95
C ASP C 277 -9.33 -8.38 -38.16
N LYS C 278 -9.09 -8.96 -36.98
CA LYS C 278 -7.86 -8.71 -36.22
C LYS C 278 -6.82 -9.71 -36.77
N LYS C 279 -5.54 -9.58 -36.35
CA LYS C 279 -4.46 -10.45 -36.80
C LYS C 279 -4.66 -11.87 -36.29
N ALA C 280 -4.65 -12.85 -37.21
CA ALA C 280 -4.80 -14.25 -36.85
C ALA C 280 -3.57 -15.07 -37.36
N PRO C 281 -2.33 -14.78 -36.87
CA PRO C 281 -1.16 -15.55 -37.30
C PRO C 281 -1.32 -17.04 -37.11
N TYR C 282 -0.61 -17.85 -37.93
CA TYR C 282 -0.66 -19.30 -37.87
C TYR C 282 -0.27 -19.89 -36.48
N GLU C 283 0.72 -19.27 -35.82
CA GLU C 283 1.25 -19.68 -34.51
C GLU C 283 0.24 -19.49 -33.37
N SER C 284 -0.74 -18.59 -33.56
CA SER C 284 -1.77 -18.30 -32.56
C SER C 284 -3.02 -19.22 -32.70
N LEU C 285 -3.04 -20.04 -33.76
CA LEU C 285 -4.18 -20.89 -34.09
C LEU C 285 -4.36 -22.07 -33.18
N ILE C 286 -5.60 -22.25 -32.72
CA ILE C 286 -5.96 -23.40 -31.87
C ILE C 286 -7.16 -24.11 -32.50
N ILE C 287 -7.41 -25.36 -32.09
CA ILE C 287 -8.61 -26.07 -32.53
C ILE C 287 -9.52 -26.16 -31.31
N ASP C 288 -10.72 -25.54 -31.39
CA ASP C 288 -11.70 -25.52 -30.29
C ASP C 288 -12.32 -26.91 -30.08
N GLY C 289 -12.05 -27.50 -28.92
CA GLY C 289 -12.59 -28.79 -28.51
C GLY C 289 -14.09 -28.79 -28.25
N LEU C 290 -14.66 -27.67 -27.79
CA LEU C 290 -16.10 -27.61 -27.57
C LEU C 290 -16.86 -27.70 -28.89
N PHE C 291 -16.39 -27.01 -29.92
CA PHE C 291 -16.95 -27.04 -31.26
C PHE C 291 -16.74 -28.43 -31.89
N MET C 292 -15.58 -29.09 -31.63
CA MET C 292 -15.30 -30.45 -32.12
C MET C 292 -16.33 -31.42 -31.56
N GLU C 293 -16.66 -31.29 -30.26
CA GLU C 293 -17.67 -32.09 -29.55
C GLU C 293 -19.07 -31.89 -30.14
N ILE C 294 -19.50 -30.63 -30.32
CA ILE C 294 -20.82 -30.25 -30.88
C ILE C 294 -20.93 -30.65 -32.37
N LEU C 295 -19.86 -30.49 -33.18
CA LEU C 295 -19.91 -30.89 -34.60
C LEU C 295 -20.21 -32.40 -34.73
N SER C 296 -19.51 -33.23 -33.94
CA SER C 296 -19.66 -34.70 -33.89
C SER C 296 -21.07 -35.10 -33.41
N SER C 297 -21.66 -34.34 -32.47
CA SER C 297 -22.99 -34.64 -31.92
C SER C 297 -24.15 -34.07 -32.77
N CYS C 298 -24.10 -32.79 -33.19
CA CYS C 298 -25.17 -32.18 -33.99
C CYS C 298 -24.90 -32.33 -35.50
N SER C 299 -25.37 -33.45 -36.06
CA SER C 299 -25.19 -33.92 -37.46
C SER C 299 -25.51 -32.87 -38.55
N ASP C 300 -26.66 -32.18 -38.47
CA ASP C 300 -27.04 -31.18 -39.48
C ASP C 300 -27.91 -30.05 -38.92
N CYS C 301 -27.25 -28.95 -38.48
CA CYS C 301 -27.86 -27.71 -37.99
C CYS C 301 -26.85 -26.55 -38.10
N ASP C 302 -27.36 -25.33 -38.32
CA ASP C 302 -26.55 -24.13 -38.50
C ASP C 302 -26.17 -23.44 -37.19
N GLU C 303 -27.14 -22.87 -36.48
CA GLU C 303 -26.82 -22.12 -35.28
C GLU C 303 -27.11 -22.87 -34.00
N ILE C 304 -26.23 -22.65 -33.00
CA ILE C 304 -26.27 -23.19 -31.66
C ILE C 304 -26.46 -21.99 -30.74
N GLN C 305 -27.27 -22.17 -29.72
CA GLN C 305 -27.56 -21.17 -28.71
C GLN C 305 -27.04 -21.67 -27.38
N PHE C 306 -26.21 -20.89 -26.68
CA PHE C 306 -25.72 -21.23 -25.34
C PHE C 306 -26.45 -20.38 -24.30
N MET C 307 -27.24 -21.03 -23.44
CA MET C 307 -28.05 -20.36 -22.41
C MET C 307 -27.34 -20.14 -21.10
N GLU C 308 -27.89 -19.21 -20.31
CA GLU C 308 -27.41 -18.79 -18.99
C GLU C 308 -27.27 -19.97 -18.02
N ASP C 309 -28.33 -20.82 -17.92
CA ASP C 309 -28.38 -21.99 -17.03
C ASP C 309 -27.51 -23.22 -17.46
N GLY C 310 -26.52 -23.01 -18.34
CA GLY C 310 -25.61 -24.05 -18.83
C GLY C 310 -26.11 -24.85 -20.04
N SER C 311 -27.40 -24.72 -20.34
CA SER C 311 -28.06 -25.39 -21.46
C SER C 311 -27.54 -24.93 -22.83
N TRP C 312 -27.69 -25.79 -23.83
CA TRP C 312 -27.35 -25.45 -25.22
C TRP C 312 -28.27 -26.22 -26.15
N CYS C 313 -28.60 -25.65 -27.30
CA CYS C 313 -29.46 -26.30 -28.27
C CYS C 313 -29.31 -25.72 -29.65
N PRO C 314 -29.52 -26.53 -30.73
CA PRO C 314 -29.61 -25.94 -32.08
C PRO C 314 -30.84 -25.03 -32.11
N MET C 315 -30.68 -23.83 -32.64
CA MET C 315 -31.76 -22.85 -32.70
C MET C 315 -32.26 -22.65 -34.13
N ASP D 33 7.60 3.66 -31.85
CA ASP D 33 8.33 3.91 -30.59
C ASP D 33 8.48 2.64 -29.71
N VAL D 34 9.23 2.78 -28.61
CA VAL D 34 9.62 1.70 -27.67
C VAL D 34 8.61 1.56 -26.51
N THR D 35 8.22 0.30 -26.23
CA THR D 35 7.35 -0.08 -25.13
C THR D 35 8.07 -1.18 -24.37
N MET D 36 7.72 -1.37 -23.10
CA MET D 36 8.36 -2.40 -22.31
C MET D 36 7.41 -3.54 -22.02
N LYS D 37 7.98 -4.74 -21.90
CA LYS D 37 7.24 -5.95 -21.61
C LYS D 37 6.74 -5.89 -20.16
N PRO D 38 5.43 -6.16 -19.89
CA PRO D 38 4.95 -6.12 -18.50
C PRO D 38 5.68 -7.16 -17.65
N LEU D 39 5.89 -6.84 -16.38
CA LEU D 39 6.51 -7.71 -15.39
C LEU D 39 5.38 -8.46 -14.67
N PRO D 40 5.50 -9.80 -14.52
CA PRO D 40 4.41 -10.58 -13.90
C PRO D 40 3.94 -10.07 -12.53
N PHE D 41 4.87 -9.68 -11.66
CA PHE D 41 4.58 -9.19 -10.31
C PHE D 41 4.32 -7.69 -10.23
N TYR D 42 4.21 -6.96 -11.38
CA TYR D 42 3.99 -5.50 -11.35
C TYR D 42 2.86 -5.04 -12.25
N GLU D 43 1.90 -4.35 -11.63
CA GLU D 43 0.76 -3.74 -12.33
C GLU D 43 1.08 -2.25 -12.41
N VAL D 44 1.19 -1.72 -13.63
CA VAL D 44 1.45 -0.30 -13.91
C VAL D 44 0.20 0.53 -13.54
N TYR D 45 0.37 1.56 -12.71
CA TYR D 45 -0.69 2.47 -12.26
C TYR D 45 -0.60 3.78 -13.02
N GLY D 46 0.61 4.13 -13.42
CA GLY D 46 0.90 5.34 -14.17
C GLY D 46 2.27 5.32 -14.82
N GLU D 47 2.46 6.19 -15.82
CA GLU D 47 3.73 6.34 -16.51
C GLU D 47 4.30 7.69 -16.09
N LEU D 48 5.41 7.68 -15.33
CA LEU D 48 6.05 8.90 -14.84
C LEU D 48 7.03 9.46 -15.89
N ILE D 49 7.85 8.59 -16.53
CA ILE D 49 8.72 8.97 -17.65
C ILE D 49 8.53 7.89 -18.70
N ARG D 50 7.95 8.28 -19.84
CA ARG D 50 7.74 7.37 -20.99
C ARG D 50 9.10 6.92 -21.55
N PRO D 51 9.21 5.75 -22.23
CA PRO D 51 10.52 5.36 -22.80
C PRO D 51 11.18 6.49 -23.59
N THR D 52 12.42 6.83 -23.23
CA THR D 52 13.16 7.94 -23.82
C THR D 52 14.55 7.46 -24.09
N THR D 53 15.06 7.69 -25.32
CA THR D 53 16.38 7.24 -25.75
C THR D 53 17.49 7.90 -24.92
N LEU D 54 18.43 7.06 -24.43
CA LEU D 54 19.59 7.50 -23.65
C LEU D 54 20.69 8.06 -24.58
N GLU D 63 29.33 8.84 -21.31
CA GLU D 63 27.99 9.34 -21.64
C GLU D 63 27.14 9.58 -20.38
N GLU D 64 26.45 10.74 -20.33
CA GLU D 64 25.63 11.15 -19.20
C GLU D 64 24.31 11.76 -19.67
N ALA D 65 23.21 11.35 -19.01
CA ALA D 65 21.85 11.81 -19.28
C ALA D 65 21.13 12.20 -17.98
N HIS D 66 20.33 13.27 -18.03
CA HIS D 66 19.59 13.83 -16.90
C HIS D 66 18.10 13.75 -17.15
N PHE D 67 17.37 13.34 -16.14
CA PHE D 67 15.94 13.16 -16.21
C PHE D 67 15.31 13.74 -14.97
N THR D 68 14.07 14.21 -15.10
CA THR D 68 13.26 14.76 -14.03
C THR D 68 11.86 14.18 -14.16
N PHE D 69 11.18 14.04 -13.04
CA PHE D 69 9.78 13.62 -13.01
C PHE D 69 9.13 14.25 -11.79
N ALA D 70 7.79 14.22 -11.75
CA ALA D 70 6.99 14.73 -10.64
C ALA D 70 5.84 13.77 -10.32
N LEU D 71 5.50 13.71 -9.03
CA LEU D 71 4.39 12.85 -8.59
C LEU D 71 3.23 13.78 -8.29
N THR D 72 1.99 13.31 -8.47
CA THR D 72 0.82 14.12 -8.11
C THR D 72 0.48 13.83 -6.63
N PRO D 73 -0.29 14.71 -5.93
CA PRO D 73 -0.67 14.40 -4.54
C PRO D 73 -1.44 13.07 -4.40
N GLN D 74 -2.21 12.64 -5.42
CA GLN D 74 -2.90 11.35 -5.38
C GLN D 74 -1.87 10.20 -5.43
N GLN D 75 -0.78 10.36 -6.24
CA GLN D 75 0.27 9.34 -6.43
C GLN D 75 1.14 9.22 -5.17
N VAL D 76 1.40 10.35 -4.47
CA VAL D 76 2.15 10.36 -3.21
C VAL D 76 1.37 9.61 -2.12
N GLN D 77 0.06 9.92 -1.95
CA GLN D 77 -0.79 9.28 -0.95
C GLN D 77 -0.86 7.76 -1.16
N GLN D 78 -0.96 7.34 -2.45
CA GLN D 78 -0.99 5.92 -2.86
C GLN D 78 0.25 5.19 -2.40
N ILE D 79 1.43 5.82 -2.60
CA ILE D 79 2.71 5.27 -2.14
C ILE D 79 2.78 5.21 -0.60
N LEU D 80 2.49 6.34 0.08
CA LEU D 80 2.67 6.43 1.52
C LEU D 80 1.75 5.55 2.36
N THR D 81 0.57 5.23 1.85
CA THR D 81 -0.39 4.38 2.56
C THR D 81 -0.27 2.90 2.10
N SER D 82 0.79 2.55 1.36
CA SER D 82 0.98 1.19 0.87
C SER D 82 1.96 0.36 1.73
N ARG D 83 2.14 0.73 3.00
CA ARG D 83 2.93 0.07 4.05
C ARG D 83 4.42 0.10 3.75
N ASP D 92 8.68 -1.95 3.58
CA ASP D 92 8.67 -1.74 2.13
C ASP D 92 7.25 -1.41 1.61
N TYR D 93 7.14 -0.36 0.77
CA TYR D 93 5.88 0.08 0.15
C TYR D 93 5.43 -0.86 -0.96
N THR D 94 4.10 -1.09 -1.08
CA THR D 94 3.55 -1.97 -2.14
C THR D 94 3.37 -1.15 -3.43
N ILE D 95 2.96 0.18 -3.33
CA ILE D 95 2.89 1.11 -4.45
C ILE D 95 4.30 1.74 -4.57
N GLN D 96 4.96 1.51 -5.72
CA GLN D 96 6.35 1.93 -5.89
C GLN D 96 6.63 2.75 -7.13
N VAL D 97 7.82 3.39 -7.13
CA VAL D 97 8.37 4.09 -8.29
C VAL D 97 9.38 3.11 -8.87
N GLN D 98 9.17 2.69 -10.10
CA GLN D 98 9.99 1.71 -10.77
C GLN D 98 10.74 2.32 -11.99
N LEU D 99 12.08 2.17 -11.99
CA LEU D 99 12.95 2.63 -13.05
C LEU D 99 13.29 1.41 -13.91
N ARG D 100 13.13 1.54 -15.25
CA ARG D 100 13.42 0.46 -16.18
C ARG D 100 14.30 0.94 -17.30
N PHE D 101 15.25 0.10 -17.72
CA PHE D 101 16.16 0.35 -18.85
C PHE D 101 15.93 -0.74 -19.86
N CYS D 102 16.09 -0.43 -21.14
CA CYS D 102 15.98 -1.43 -22.23
C CYS D 102 16.72 -0.98 -23.47
N LEU D 103 16.77 -1.85 -24.46
CA LEU D 103 17.34 -1.58 -25.78
C LEU D 103 16.36 -0.65 -26.52
N CYS D 104 16.89 0.27 -27.34
CA CYS D 104 16.05 1.17 -28.14
C CYS D 104 15.56 0.41 -29.39
N GLU D 105 14.70 -0.60 -29.17
CA GLU D 105 14.17 -1.44 -30.25
C GLU D 105 12.63 -1.40 -30.25
N THR D 106 12.03 -1.21 -31.44
CA THR D 106 10.59 -1.01 -31.63
C THR D 106 9.75 -2.23 -32.09
N SER D 107 10.38 -3.31 -32.60
CA SER D 107 9.65 -4.47 -33.15
C SER D 107 8.89 -5.32 -32.11
N CYS D 108 9.17 -5.15 -30.80
CA CYS D 108 8.45 -5.92 -29.77
C CYS D 108 8.58 -5.30 -28.37
N PRO D 109 7.61 -5.58 -27.44
CA PRO D 109 7.77 -5.09 -26.04
C PRO D 109 9.13 -5.55 -25.47
N GLN D 110 9.90 -4.58 -25.00
CA GLN D 110 11.27 -4.78 -24.54
C GLN D 110 11.38 -5.31 -23.11
N GLU D 111 12.28 -6.29 -22.92
CA GLU D 111 12.58 -6.85 -21.60
C GLU D 111 13.65 -5.93 -21.00
N ASP D 112 13.81 -5.92 -19.66
CA ASP D 112 14.83 -5.07 -19.03
C ASP D 112 16.24 -5.42 -19.52
N TYR D 113 17.03 -4.40 -19.87
CA TYR D 113 18.38 -4.54 -20.40
C TYR D 113 19.22 -3.36 -20.01
N PHE D 114 20.23 -3.60 -19.15
CA PHE D 114 21.11 -2.53 -18.68
C PHE D 114 22.13 -2.18 -19.72
N PRO D 115 22.41 -0.86 -19.88
CA PRO D 115 23.52 -0.46 -20.76
C PRO D 115 24.86 -0.79 -20.05
N PRO D 116 25.97 -1.05 -20.75
CA PRO D 116 27.23 -1.36 -20.04
C PRO D 116 27.75 -0.20 -19.18
N ASN D 117 28.34 -0.57 -18.02
CA ASN D 117 28.89 0.31 -16.98
C ASN D 117 27.82 1.28 -16.46
N LEU D 118 26.62 0.74 -16.13
CA LEU D 118 25.49 1.53 -15.67
C LEU D 118 25.66 2.00 -14.23
N PHE D 119 25.49 3.31 -14.05
CA PHE D 119 25.53 4.03 -12.79
C PHE D 119 24.33 4.96 -12.79
N VAL D 120 23.53 4.86 -11.73
CA VAL D 120 22.34 5.68 -11.57
C VAL D 120 22.44 6.50 -10.27
N LYS D 121 21.98 7.75 -10.34
CA LYS D 121 21.86 8.63 -9.19
C LYS D 121 20.44 9.15 -9.16
N VAL D 122 19.76 9.00 -8.01
CA VAL D 122 18.39 9.48 -7.83
C VAL D 122 18.44 10.53 -6.74
N ASN D 123 18.15 11.79 -7.11
CA ASN D 123 18.17 12.96 -6.22
C ASN D 123 19.53 13.12 -5.51
N GLY D 124 20.60 12.86 -6.25
CA GLY D 124 21.97 12.98 -5.75
C GLY D 124 22.50 11.78 -4.99
N LYS D 125 21.63 10.79 -4.72
CA LYS D 125 21.98 9.58 -3.99
C LYS D 125 22.27 8.45 -4.97
N LEU D 126 23.34 7.69 -4.71
CA LEU D 126 23.72 6.54 -5.54
C LEU D 126 22.61 5.51 -5.50
N CYS D 127 22.24 4.99 -6.67
CA CYS D 127 21.18 4.01 -6.76
C CYS D 127 21.75 2.57 -6.70
N PRO D 128 21.37 1.77 -5.68
CA PRO D 128 21.92 0.40 -5.57
C PRO D 128 21.37 -0.52 -6.67
N LEU D 129 22.30 -1.15 -7.39
CA LEU D 129 21.98 -1.98 -8.53
C LEU D 129 22.14 -3.48 -8.27
N PRO D 130 21.46 -4.38 -9.04
CA PRO D 130 21.65 -5.83 -8.83
C PRO D 130 23.13 -6.23 -8.98
N GLY D 131 23.62 -7.00 -8.01
CA GLY D 131 25.02 -7.43 -7.94
C GLY D 131 25.55 -8.22 -9.12
N TYR D 132 26.87 -8.07 -9.41
CA TYR D 132 27.56 -8.75 -10.50
C TYR D 132 27.68 -10.25 -10.23
N LYS D 143 29.37 -9.51 -15.43
CA LYS D 143 28.00 -9.87 -15.77
C LYS D 143 26.98 -9.40 -14.71
N ARG D 144 26.22 -8.34 -15.06
CA ARG D 144 25.18 -7.74 -14.22
C ARG D 144 23.76 -8.13 -14.72
N PRO D 145 22.89 -8.79 -13.89
CA PRO D 145 21.54 -9.14 -14.37
C PRO D 145 20.65 -7.90 -14.50
N SER D 146 20.00 -7.79 -15.66
CA SER D 146 19.11 -6.68 -15.99
C SER D 146 17.73 -6.89 -15.38
N ARG D 147 17.41 -6.05 -14.39
CA ARG D 147 16.15 -6.13 -13.66
C ARG D 147 15.53 -4.73 -13.54
N PRO D 148 14.20 -4.60 -13.31
CA PRO D 148 13.64 -3.25 -12.99
C PRO D 148 14.26 -2.74 -11.67
N ILE D 149 14.40 -1.43 -11.50
CA ILE D 149 14.98 -0.84 -10.28
C ILE D 149 13.92 -0.13 -9.44
N ASN D 150 13.87 -0.46 -8.15
CA ASN D 150 12.93 0.16 -7.23
C ASN D 150 13.62 1.40 -6.68
N ILE D 151 13.27 2.60 -7.22
CA ILE D 151 13.89 3.87 -6.79
C ILE D 151 13.11 4.55 -5.65
N THR D 152 11.98 3.96 -5.22
CA THR D 152 11.13 4.42 -4.14
C THR D 152 11.94 4.81 -2.87
N PRO D 153 12.93 4.00 -2.36
CA PRO D 153 13.67 4.42 -1.14
C PRO D 153 14.57 5.65 -1.32
N LEU D 154 14.67 6.19 -2.56
CA LEU D 154 15.47 7.37 -2.92
C LEU D 154 14.60 8.51 -3.46
N ALA D 155 13.32 8.25 -3.72
CA ALA D 155 12.37 9.23 -4.26
C ALA D 155 11.97 10.26 -3.23
N ARG D 156 11.67 11.49 -3.69
CA ARG D 156 11.15 12.53 -2.82
C ARG D 156 9.63 12.31 -2.91
N LEU D 157 9.05 11.75 -1.84
CA LEU D 157 7.62 11.40 -1.80
C LEU D 157 6.80 12.62 -1.41
N SER D 158 6.80 13.60 -2.32
CA SER D 158 6.12 14.87 -2.21
C SER D 158 5.83 15.38 -3.62
N ALA D 159 4.70 16.07 -3.80
CA ALA D 159 4.26 16.66 -5.07
C ALA D 159 4.77 18.10 -5.22
N THR D 160 5.43 18.61 -4.18
CA THR D 160 5.97 19.98 -4.11
C THR D 160 7.38 20.17 -4.73
N VAL D 161 8.13 19.08 -4.93
CA VAL D 161 9.52 19.14 -5.41
C VAL D 161 9.79 18.22 -6.62
N PRO D 162 10.79 18.55 -7.47
CA PRO D 162 11.09 17.64 -8.60
C PRO D 162 11.98 16.48 -8.15
N ASN D 163 11.85 15.35 -8.85
CA ASN D 163 12.66 14.17 -8.63
C ASN D 163 13.62 14.09 -9.79
N THR D 164 14.93 13.92 -9.52
CA THR D 164 15.92 13.87 -10.60
C THR D 164 16.60 12.52 -10.71
N ILE D 165 16.90 12.11 -11.95
CA ILE D 165 17.64 10.88 -12.25
C ILE D 165 18.81 11.27 -13.13
N VAL D 166 20.00 10.84 -12.73
CA VAL D 166 21.24 11.04 -13.49
C VAL D 166 21.73 9.62 -13.84
N VAL D 167 21.94 9.35 -15.13
CA VAL D 167 22.36 8.04 -15.61
C VAL D 167 23.68 8.16 -16.39
N ASN D 168 24.66 7.29 -16.07
CA ASN D 168 25.96 7.21 -16.74
C ASN D 168 26.10 5.79 -17.28
N TRP D 169 26.59 5.68 -18.52
CA TRP D 169 26.77 4.41 -19.22
C TRP D 169 27.80 4.59 -20.37
N SER D 170 28.34 3.47 -20.90
CA SER D 170 29.26 3.51 -22.04
C SER D 170 28.51 2.90 -23.23
N SER D 171 28.38 3.65 -24.34
CA SER D 171 27.67 3.24 -25.56
C SER D 171 28.33 2.06 -26.26
N ARG D 175 25.29 0.96 -30.06
CA ARG D 175 23.82 0.90 -30.10
C ARG D 175 23.18 1.90 -29.11
N ASN D 176 21.85 2.08 -29.23
CA ASN D 176 21.09 2.97 -28.36
C ASN D 176 20.29 2.19 -27.31
N TYR D 177 20.11 2.84 -26.15
CA TYR D 177 19.37 2.33 -25.01
C TYR D 177 18.24 3.29 -24.67
N SER D 178 17.25 2.83 -23.91
CA SER D 178 16.09 3.64 -23.54
C SER D 178 15.85 3.59 -22.05
N LEU D 179 15.29 4.68 -21.48
CA LEU D 179 14.98 4.77 -20.06
C LEU D 179 13.48 5.07 -19.88
N SER D 180 12.83 4.38 -18.92
CA SER D 180 11.45 4.68 -18.55
C SER D 180 11.24 4.58 -17.03
N VAL D 181 10.22 5.28 -16.51
CA VAL D 181 9.87 5.31 -15.08
C VAL D 181 8.35 5.12 -14.91
N TYR D 182 7.97 4.23 -14.00
CA TYR D 182 6.58 3.89 -13.78
C TYR D 182 6.20 3.93 -12.31
N LEU D 183 4.91 4.19 -12.05
CA LEU D 183 4.29 4.09 -10.75
C LEU D 183 3.65 2.70 -10.85
N VAL D 184 4.00 1.78 -9.92
CA VAL D 184 3.54 0.40 -9.97
C VAL D 184 3.00 -0.10 -8.65
N ARG D 185 2.18 -1.16 -8.70
CA ARG D 185 1.74 -1.92 -7.54
C ARG D 185 2.49 -3.26 -7.61
N GLN D 186 3.26 -3.59 -6.56
CA GLN D 186 3.93 -4.89 -6.48
C GLN D 186 2.85 -5.93 -6.06
N LEU D 187 2.69 -7.01 -6.86
CA LEU D 187 1.68 -8.07 -6.62
C LEU D 187 2.24 -9.21 -5.75
N THR D 188 1.37 -9.98 -5.08
CA THR D 188 1.75 -11.15 -4.26
C THR D 188 1.70 -12.41 -5.14
N ALA D 189 2.43 -13.46 -4.72
CA ALA D 189 2.46 -14.78 -5.38
C ALA D 189 1.04 -15.40 -5.41
N GLY D 190 0.27 -15.13 -4.36
CA GLY D 190 -1.12 -15.56 -4.18
C GLY D 190 -2.02 -15.02 -5.27
N THR D 191 -1.86 -13.73 -5.61
CA THR D 191 -2.57 -13.02 -6.67
C THR D 191 -2.15 -13.62 -8.04
N LEU D 192 -0.83 -13.80 -8.31
CA LEU D 192 -0.32 -14.40 -9.55
C LEU D 192 -0.79 -15.85 -9.72
N LEU D 193 -0.91 -16.55 -8.59
CA LEU D 193 -1.39 -17.92 -8.58
C LEU D 193 -2.81 -17.93 -9.05
N GLN D 194 -3.68 -17.07 -8.48
CA GLN D 194 -5.08 -17.01 -8.88
C GLN D 194 -5.32 -16.53 -10.31
N LYS D 195 -4.42 -15.68 -10.86
CA LYS D 195 -4.48 -15.23 -12.27
C LYS D 195 -4.12 -16.42 -13.17
N LEU D 196 -3.11 -17.22 -12.77
CA LEU D 196 -2.68 -18.40 -13.54
C LEU D 196 -3.78 -19.45 -13.53
N ARG D 197 -4.40 -19.69 -12.36
CA ARG D 197 -5.51 -20.64 -12.23
C ARG D 197 -6.72 -20.18 -13.06
N ALA D 198 -6.94 -18.85 -13.18
CA ALA D 198 -8.06 -18.25 -13.93
C ALA D 198 -7.98 -18.58 -15.45
N LYS D 199 -6.73 -18.71 -15.98
CA LYS D 199 -6.42 -19.07 -17.38
C LYS D 199 -6.84 -20.49 -17.72
N GLY D 200 -7.12 -21.29 -16.69
CA GLY D 200 -7.60 -22.65 -16.85
C GLY D 200 -6.57 -23.75 -16.98
N ILE D 201 -7.09 -24.96 -17.21
CA ILE D 201 -6.34 -26.19 -17.27
C ILE D 201 -6.12 -26.68 -18.73
N ARG D 202 -4.87 -27.10 -19.06
CA ARG D 202 -4.45 -27.59 -20.37
C ARG D 202 -5.05 -28.95 -20.57
N ASN D 203 -5.63 -29.19 -21.75
CA ASN D 203 -6.30 -30.43 -22.14
C ASN D 203 -5.47 -31.65 -21.70
N PRO D 204 -6.02 -32.57 -20.86
CA PRO D 204 -5.26 -33.77 -20.46
C PRO D 204 -4.82 -34.62 -21.64
N ASP D 205 -5.50 -34.50 -22.80
CA ASP D 205 -5.15 -35.22 -24.05
C ASP D 205 -3.87 -34.70 -24.68
N HIS D 206 -3.45 -33.45 -24.38
CA HIS D 206 -2.20 -32.89 -24.88
C HIS D 206 -1.00 -33.70 -24.31
N SER D 207 -1.07 -34.08 -23.01
CA SER D 207 -0.05 -34.88 -22.30
C SER D 207 -0.11 -36.31 -22.72
N ARG D 208 -1.33 -36.87 -22.89
CA ARG D 208 -1.53 -38.24 -23.36
C ARG D 208 -0.86 -38.43 -24.72
N ALA D 209 -1.05 -37.45 -25.63
CA ALA D 209 -0.45 -37.45 -26.97
C ALA D 209 1.07 -37.27 -26.93
N LEU D 210 1.59 -36.46 -25.99
CA LEU D 210 3.03 -36.26 -25.78
C LEU D 210 3.67 -37.58 -25.29
N ILE D 211 3.02 -38.28 -24.34
CA ILE D 211 3.45 -39.58 -23.79
C ILE D 211 3.53 -40.60 -24.93
N LYS D 212 2.50 -40.62 -25.80
CA LYS D 212 2.43 -41.51 -26.98
C LYS D 212 3.61 -41.23 -27.93
N GLU D 213 3.90 -39.94 -28.20
CA GLU D 213 5.00 -39.47 -29.06
C GLU D 213 6.37 -39.92 -28.53
N LYS D 214 6.62 -39.68 -27.24
CA LYS D 214 7.86 -40.03 -26.53
C LYS D 214 8.11 -41.55 -26.46
N LEU D 215 7.02 -42.34 -26.39
CA LEU D 215 7.03 -43.80 -26.30
C LEU D 215 6.94 -44.49 -27.67
N THR D 216 6.81 -43.71 -28.75
CA THR D 216 6.83 -44.30 -30.09
C THR D 216 8.30 -44.58 -30.42
N ALA D 217 8.65 -45.86 -30.55
CA ALA D 217 10.03 -46.27 -30.84
C ALA D 217 10.40 -46.09 -32.30
N ASP D 218 11.64 -45.63 -32.52
CA ASP D 218 12.25 -45.42 -33.84
C ASP D 218 12.62 -46.80 -34.40
N PRO D 219 12.19 -47.18 -35.63
CA PRO D 219 12.54 -48.52 -36.17
C PRO D 219 14.05 -48.70 -36.42
N ASP D 220 14.81 -47.59 -36.42
CA ASP D 220 16.26 -47.53 -36.57
C ASP D 220 16.88 -47.13 -35.20
N SER D 221 16.50 -47.87 -34.14
CA SER D 221 16.99 -47.71 -32.77
C SER D 221 17.18 -49.08 -32.11
N GLU D 222 18.02 -49.15 -31.07
CA GLU D 222 18.27 -50.42 -30.38
C GLU D 222 17.31 -50.61 -29.22
N SER D 227 8.64 -47.26 -21.55
CA SER D 227 8.03 -46.68 -20.35
C SER D 227 8.54 -45.29 -20.02
N LEU D 228 7.61 -44.43 -19.57
CA LEU D 228 7.84 -43.05 -19.16
C LEU D 228 7.57 -42.94 -17.63
N ARG D 229 8.54 -42.40 -16.87
CA ARG D 229 8.41 -42.28 -15.41
C ARG D 229 8.38 -40.82 -14.95
N VAL D 230 7.35 -40.46 -14.17
CA VAL D 230 7.21 -39.10 -13.61
C VAL D 230 6.90 -39.17 -12.11
N SER D 231 7.12 -38.07 -11.42
CA SER D 231 6.83 -37.94 -10.01
C SER D 231 5.66 -37.02 -9.76
N LEU D 232 4.85 -37.36 -8.74
CA LEU D 232 3.72 -36.58 -8.30
C LEU D 232 4.14 -35.61 -7.19
N MET D 233 5.42 -35.65 -6.81
CA MET D 233 6.05 -34.78 -5.82
C MET D 233 6.74 -33.64 -6.57
N CYS D 234 6.72 -32.44 -6.00
CA CYS D 234 7.35 -31.28 -6.64
C CYS D 234 8.89 -31.43 -6.62
N PRO D 235 9.58 -31.26 -7.77
CA PRO D 235 11.07 -31.38 -7.77
C PRO D 235 11.73 -30.21 -7.05
N LEU D 236 11.01 -29.10 -6.94
CA LEU D 236 11.47 -27.90 -6.26
C LEU D 236 11.18 -27.95 -4.73
N GLY D 237 9.99 -28.37 -4.33
CA GLY D 237 9.60 -28.38 -2.92
C GLY D 237 9.57 -29.70 -2.19
N LYS D 238 9.65 -30.84 -2.91
CA LYS D 238 9.67 -32.20 -2.36
C LYS D 238 8.34 -32.64 -1.75
N MET D 239 7.34 -31.77 -1.71
CA MET D 239 6.01 -32.12 -1.23
C MET D 239 5.15 -32.46 -2.45
N ARG D 240 3.98 -33.08 -2.21
CA ARG D 240 3.07 -33.45 -3.27
C ARG D 240 2.59 -32.18 -4.03
N LEU D 241 2.48 -32.30 -5.36
CA LEU D 241 1.97 -31.25 -6.27
C LEU D 241 0.48 -30.93 -5.97
N THR D 242 0.14 -29.64 -5.96
CA THR D 242 -1.21 -29.13 -5.78
C THR D 242 -1.69 -28.65 -7.16
N VAL D 243 -0.94 -27.68 -7.73
CA VAL D 243 -1.14 -27.13 -9.06
C VAL D 243 0.03 -27.62 -9.93
N PRO D 244 -0.13 -28.76 -10.65
CA PRO D 244 0.96 -29.28 -11.51
C PRO D 244 1.29 -28.33 -12.66
N CYS D 245 2.44 -27.68 -12.59
CA CYS D 245 2.75 -26.66 -13.54
C CYS D 245 4.01 -26.91 -14.38
N ARG D 246 4.04 -26.31 -15.56
CA ARG D 246 5.17 -26.37 -16.49
C ARG D 246 5.07 -25.26 -17.52
N ALA D 247 6.23 -24.82 -18.04
CA ALA D 247 6.31 -23.91 -19.18
C ALA D 247 5.93 -24.73 -20.44
N LEU D 248 5.21 -24.12 -21.41
CA LEU D 248 4.81 -24.78 -22.67
C LEU D 248 6.04 -25.19 -23.54
N THR D 249 7.18 -24.53 -23.34
CA THR D 249 8.44 -24.76 -24.07
C THR D 249 9.30 -25.90 -23.45
N CYS D 250 8.85 -26.48 -22.33
CA CYS D 250 9.56 -27.60 -21.68
C CYS D 250 9.24 -28.88 -22.44
N ALA D 251 10.28 -29.67 -22.75
CA ALA D 251 10.16 -30.92 -23.50
C ALA D 251 9.76 -32.13 -22.61
N HIS D 252 10.07 -32.06 -21.30
CA HIS D 252 9.76 -33.10 -20.31
C HIS D 252 8.28 -33.11 -19.87
N LEU D 253 7.82 -34.21 -19.27
CA LEU D 253 6.48 -34.32 -18.71
C LEU D 253 6.41 -33.93 -17.25
N GLN D 254 7.52 -34.12 -16.49
CA GLN D 254 7.60 -33.77 -15.08
C GLN D 254 7.15 -32.33 -14.83
N SER D 255 6.16 -32.18 -13.93
CA SER D 255 5.62 -30.87 -13.54
C SER D 255 6.21 -30.43 -12.21
N PHE D 256 6.07 -29.13 -11.89
CA PHE D 256 6.48 -28.54 -10.62
C PHE D 256 5.26 -27.78 -10.03
N ASP D 257 5.30 -27.45 -8.73
CA ASP D 257 4.16 -26.79 -8.10
C ASP D 257 4.15 -25.32 -8.42
N ALA D 258 3.01 -24.84 -8.99
CA ALA D 258 2.84 -23.44 -9.35
C ALA D 258 2.96 -22.51 -8.15
N ALA D 259 2.27 -22.85 -7.04
CA ALA D 259 2.25 -22.00 -5.82
C ALA D 259 3.63 -21.73 -5.30
N LEU D 260 4.47 -22.80 -5.17
CA LEU D 260 5.83 -22.75 -4.66
C LEU D 260 6.78 -21.99 -5.60
N TYR D 261 6.67 -22.25 -6.90
CA TYR D 261 7.46 -21.63 -7.94
C TYR D 261 7.21 -20.14 -8.05
N LEU D 262 5.96 -19.71 -7.81
CA LEU D 262 5.63 -18.28 -7.84
C LEU D 262 6.12 -17.60 -6.56
N GLN D 263 6.01 -18.29 -5.41
CA GLN D 263 6.50 -17.82 -4.10
C GLN D 263 8.03 -17.62 -4.17
N MET D 264 8.75 -18.48 -4.93
CA MET D 264 10.18 -18.36 -5.11
C MET D 264 10.56 -17.18 -6.03
N ASN D 265 9.86 -16.99 -7.15
CA ASN D 265 10.12 -15.87 -8.07
C ASN D 265 9.64 -14.52 -7.52
N GLU D 266 8.80 -14.56 -6.48
CA GLU D 266 8.30 -13.37 -5.78
C GLU D 266 9.46 -12.68 -5.10
N LYS D 267 10.37 -13.47 -4.50
CA LYS D 267 11.56 -13.03 -3.79
C LYS D 267 12.74 -12.78 -4.75
N LYS D 268 13.04 -13.76 -5.62
CA LYS D 268 14.13 -13.67 -6.59
C LYS D 268 13.63 -14.09 -7.98
N PRO D 269 13.25 -13.13 -8.88
CA PRO D 269 12.70 -13.55 -10.18
C PRO D 269 13.76 -13.99 -11.20
N THR D 270 14.01 -15.30 -11.26
CA THR D 270 14.94 -15.90 -12.21
C THR D 270 14.17 -16.54 -13.37
N TRP D 271 12.92 -17.00 -13.12
CA TRP D 271 11.99 -17.62 -14.08
C TRP D 271 12.65 -18.75 -14.84
N THR D 272 13.26 -19.67 -14.10
CA THR D 272 14.03 -20.83 -14.55
C THR D 272 13.32 -22.11 -14.12
N CYS D 273 13.20 -23.06 -15.03
CA CYS D 273 12.57 -24.34 -14.75
C CYS D 273 13.38 -25.17 -13.74
N PRO D 274 12.76 -25.60 -12.61
CA PRO D 274 13.51 -26.42 -11.64
C PRO D 274 13.71 -27.87 -12.08
N VAL D 275 13.17 -28.26 -13.28
CA VAL D 275 13.31 -29.60 -13.85
C VAL D 275 14.46 -29.64 -14.89
N CYS D 276 14.41 -28.79 -15.94
CA CYS D 276 15.35 -28.78 -17.06
C CYS D 276 16.28 -27.54 -17.11
N ASP D 277 16.14 -26.55 -16.20
CA ASP D 277 16.98 -25.34 -16.12
C ASP D 277 16.86 -24.41 -17.37
N LYS D 278 15.82 -24.60 -18.19
CA LYS D 278 15.56 -23.71 -19.31
C LYS D 278 14.68 -22.58 -18.76
N LYS D 279 14.50 -21.49 -19.52
CA LYS D 279 13.67 -20.37 -19.12
C LYS D 279 12.23 -20.84 -18.99
N ALA D 280 11.58 -20.46 -17.89
CA ALA D 280 10.17 -20.79 -17.66
C ALA D 280 9.41 -19.51 -17.29
N PRO D 281 9.29 -18.53 -18.24
CA PRO D 281 8.53 -17.32 -17.95
C PRO D 281 7.10 -17.60 -17.53
N TYR D 282 6.53 -16.67 -16.76
CA TYR D 282 5.16 -16.75 -16.24
C TYR D 282 4.09 -16.94 -17.33
N GLU D 283 4.25 -16.22 -18.46
CA GLU D 283 3.33 -16.19 -19.61
C GLU D 283 3.28 -17.52 -20.36
N SER D 284 4.34 -18.33 -20.26
CA SER D 284 4.44 -19.64 -20.91
C SER D 284 3.90 -20.78 -20.02
N LEU D 285 3.54 -20.49 -18.75
CA LEU D 285 3.09 -21.50 -17.81
C LEU D 285 1.68 -22.01 -18.09
N ILE D 286 1.55 -23.32 -18.01
CA ILE D 286 0.29 -24.02 -18.19
C ILE D 286 0.08 -24.92 -16.96
N ILE D 287 -1.18 -25.34 -16.74
CA ILE D 287 -1.50 -26.28 -15.68
C ILE D 287 -1.86 -27.52 -16.43
N ASP D 288 -1.15 -28.64 -16.16
CA ASP D 288 -1.35 -29.91 -16.86
C ASP D 288 -2.58 -30.63 -16.32
N GLY D 289 -3.58 -30.80 -17.19
CA GLY D 289 -4.83 -31.49 -16.90
C GLY D 289 -4.65 -32.96 -16.60
N LEU D 290 -3.69 -33.63 -17.24
CA LEU D 290 -3.45 -35.04 -16.94
C LEU D 290 -2.99 -35.23 -15.49
N PHE D 291 -2.09 -34.38 -15.01
CA PHE D 291 -1.60 -34.48 -13.65
C PHE D 291 -2.65 -34.07 -12.63
N MET D 292 -3.60 -33.19 -13.00
CA MET D 292 -4.72 -32.78 -12.13
C MET D 292 -5.63 -33.98 -11.88
N GLU D 293 -5.87 -34.76 -12.95
CA GLU D 293 -6.70 -35.98 -12.92
C GLU D 293 -6.05 -37.05 -12.08
N ILE D 294 -4.75 -37.32 -12.31
CA ILE D 294 -3.98 -38.32 -11.57
C ILE D 294 -3.80 -37.89 -10.08
N LEU D 295 -3.57 -36.60 -9.76
CA LEU D 295 -3.40 -36.16 -8.37
C LEU D 295 -4.67 -36.39 -7.51
N SER D 296 -5.84 -36.06 -8.08
CA SER D 296 -7.16 -36.22 -7.47
C SER D 296 -7.47 -37.72 -7.28
N SER D 297 -7.08 -38.58 -8.24
CA SER D 297 -7.31 -40.02 -8.20
C SER D 297 -6.43 -40.74 -7.15
N CYS D 298 -5.10 -40.72 -7.30
CA CYS D 298 -4.22 -41.40 -6.34
C CYS D 298 -3.63 -40.44 -5.30
N SER D 299 -3.53 -40.89 -4.03
CA SER D 299 -3.02 -40.10 -2.91
C SER D 299 -1.78 -40.71 -2.25
N ASP D 300 -1.75 -42.04 -2.07
CA ASP D 300 -0.64 -42.75 -1.44
C ASP D 300 0.47 -43.11 -2.46
N CYS D 301 0.50 -42.40 -3.61
CA CYS D 301 1.44 -42.64 -4.69
C CYS D 301 2.41 -41.46 -4.92
N ASP D 302 3.73 -41.76 -5.01
CA ASP D 302 4.79 -40.78 -5.24
C ASP D 302 5.27 -40.73 -6.71
N GLU D 303 5.49 -41.90 -7.34
CA GLU D 303 5.96 -42.00 -8.72
C GLU D 303 5.00 -42.84 -9.57
N ILE D 304 4.67 -42.32 -10.78
CA ILE D 304 3.81 -42.87 -11.83
C ILE D 304 4.66 -43.40 -12.99
N GLN D 305 4.16 -44.42 -13.66
CA GLN D 305 4.80 -45.04 -14.80
C GLN D 305 3.74 -45.16 -15.87
N PHE D 306 4.01 -44.62 -17.09
CA PHE D 306 3.07 -44.70 -18.23
C PHE D 306 3.61 -45.71 -19.26
N MET D 307 2.73 -46.58 -19.80
CA MET D 307 3.07 -47.62 -20.79
C MET D 307 2.59 -47.29 -22.19
N ASP D 309 0.59 -47.64 -24.86
CA ASP D 309 -0.65 -48.27 -24.40
C ASP D 309 -1.66 -47.25 -23.83
N GLY D 310 -1.13 -46.15 -23.28
CA GLY D 310 -1.91 -45.08 -22.68
C GLY D 310 -2.12 -45.20 -21.18
N SER D 311 -2.16 -46.46 -20.68
CA SER D 311 -2.36 -46.80 -19.28
C SER D 311 -1.20 -46.34 -18.37
N TRP D 312 -1.52 -46.08 -17.10
CA TRP D 312 -0.54 -45.71 -16.08
C TRP D 312 -0.73 -46.55 -14.82
N CYS D 313 0.31 -46.65 -13.99
CA CYS D 313 0.24 -47.37 -12.72
C CYS D 313 1.30 -46.85 -11.75
N PRO D 314 1.08 -46.96 -10.42
CA PRO D 314 2.12 -46.58 -9.45
C PRO D 314 3.40 -47.39 -9.64
N MET D 315 4.57 -46.73 -9.50
CA MET D 315 5.90 -47.30 -9.65
C MET D 315 6.17 -48.46 -8.68
#